data_7YAG
#
_entry.id   7YAG
#
_cell.length_a   1.00
_cell.length_b   1.00
_cell.length_c   1.00
_cell.angle_alpha   90.00
_cell.angle_beta   90.00
_cell.angle_gamma   90.00
#
_symmetry.space_group_name_H-M   'P 1'
#
loop_
_entity.id
_entity.type
_entity.pdbx_description
1 polymer 'Calcium-transporting ATPase type 2C member 1'
2 polymer 'nanobody head piece of megabody'
3 non-polymer 'PHOSPHOMETHYLPHOSPHONIC ACID ADENYLATE ESTER'
4 non-polymer 'CALCIUM ION'
#
loop_
_entity_poly.entity_id
_entity_poly.type
_entity_poly.pdbx_seq_one_letter_code
_entity_poly.pdbx_strand_id
1 'polypeptide(L)'
;MGGVAMPGAEDDVVRENLYFQGKDGLAAMKVARFQKIPNGENETMIPVLTSKKASELPVSEVASILQADLQNGLNKCEVS
HRRAFHGWNEFDISEDEPLWKKYISQFKNPLIMLLLASAVISVLMHQFDDAVSITVAILIVVTVAFVQEYRSEKSLEELS
KLVPPECHCVREGKLEHTLARDLVPGDTVCLSVGDRVPADLRLFEAVDLSIDESSLTGETTPCSKVTAPQPAATNGDLAS
RSNIAFMGTLVRCGKAKGVVIGTGENSEFGEVFKMMQAEEAPKTPLQKSMDLLGKQLSFYSFGIIGIIMLVGWLLGKDIL
EMFTISVSLAVAAIPEGLPIVVTVTLALGVMRMVKKRAIVKKLPIVETLGCCNVICSDKTGTLTKNEMTVTHIFTSDGLH
AEVTGVGYNQFGEVIVDGDVVHGFYNPAVSRIVEAGCVCNDAVIRNNTLMGKPTEGALIALAMKMGLDGLQQDYIRKAEY
PFSSEQKWMAVKCVHRTQQDRPEICFMKGAYEQVIKYCTTYQSKGQTLTLTQQQRDVYQQEKARMGSAGLRVLALASGPE
LGQLTFLGLVGIIDPPRTGVKEAVTTLIASGVSIKMITGDSQETAVAIASRLGLYSKTSQSVSGEEIDAMDVQQLSQIVP
KVAVFYRASPRHKMKIIKSLQKNGSVVAMTGDGVNDAVALKAADIGVAMGQTGTDVCKEAADMILVDDDFQTIMSAIEEG
KGIYNNIKNFVRFQLSTSIAALTLISLATLMNFPNPLNAMQILWINIIMDGPPAQSLGVEPVDKDVIRKPPRNWKDSILT
KNLILKILVSSIIIVCGTLFVFWRELRDNVITPRDTTMTFTCFVFFDMFNALSSRSQTKSVFEIGLCSNRMFCYAVLGSI
MGQLLVIYFPPLQKVFQTESLSILDLLFLLGLTSSVCIVAEIIKKVERSREKIQKHVSSTSSSFLEV
;
A
2 'polypeptide(L)'
;QVQLQESGGGLVQAGGSLRLSCAASGSIFGADWMGWYRQAPGKEREFVAGIGHGASTYYADSVKGRFTISRDNAKNTVYL
QMNSLKPEDTAVYYCAVQYTQGWSGQYRSYDSLLYWGQGTQVTVSSGS
;
C
#
loop_
_chem_comp.id
_chem_comp.type
_chem_comp.name
_chem_comp.formula
ACP non-polymer 'PHOSPHOMETHYLPHOSPHONIC ACID ADENYLATE ESTER' 'C11 H18 N5 O12 P3'
CA non-polymer 'CALCIUM ION' 'Ca 2'
#
# COMPACT_ATOMS: atom_id res chain seq x y z
N VAL A 48 -23.41 28.46 -4.13
CA VAL A 48 -23.26 27.26 -3.31
C VAL A 48 -23.99 27.45 -1.99
N LEU A 49 -24.80 26.47 -1.63
CA LEU A 49 -25.57 26.54 -0.39
C LEU A 49 -24.74 26.00 0.78
N THR A 50 -25.08 26.48 1.98
CA THR A 50 -24.52 25.92 3.19
C THR A 50 -25.19 24.57 3.49
N SER A 51 -24.51 23.76 4.29
CA SER A 51 -25.05 22.45 4.64
C SER A 51 -26.36 22.58 5.41
N LYS A 52 -26.46 23.58 6.29
CA LYS A 52 -27.69 23.79 7.04
C LYS A 52 -28.83 24.19 6.10
N LYS A 53 -28.58 25.15 5.21
CA LYS A 53 -29.63 25.60 4.29
C LYS A 53 -30.06 24.47 3.36
N ALA A 54 -29.10 23.71 2.84
CA ALA A 54 -29.46 22.57 1.99
C ALA A 54 -30.21 21.51 2.78
N SER A 55 -29.91 21.36 4.07
CA SER A 55 -30.65 20.41 4.90
C SER A 55 -32.10 20.84 5.05
N GLU A 56 -32.33 22.10 5.42
CA GLU A 56 -33.71 22.56 5.55
C GLU A 56 -34.43 22.60 4.21
N LEU A 57 -33.75 23.01 3.15
CA LEU A 57 -34.39 23.13 1.85
C LEU A 57 -34.75 21.74 1.32
N PRO A 58 -35.95 21.53 0.74
CA PRO A 58 -36.24 20.22 0.13
C PRO A 58 -35.38 19.93 -1.09
N VAL A 59 -35.57 18.75 -1.68
CA VAL A 59 -34.75 18.34 -2.81
C VAL A 59 -34.98 19.24 -4.01
N SER A 60 -36.24 19.57 -4.30
CA SER A 60 -36.55 20.34 -5.50
C SER A 60 -35.94 21.73 -5.43
N GLU A 61 -35.99 22.38 -4.27
CA GLU A 61 -35.44 23.71 -4.13
C GLU A 61 -33.91 23.70 -4.29
N VAL A 62 -33.25 22.70 -3.71
CA VAL A 62 -31.79 22.62 -3.84
C VAL A 62 -31.41 22.33 -5.28
N ALA A 63 -32.17 21.48 -5.98
CA ALA A 63 -31.90 21.24 -7.38
C ALA A 63 -32.11 22.49 -8.22
N SER A 64 -33.16 23.26 -7.93
CA SER A 64 -33.41 24.49 -8.68
C SER A 64 -32.32 25.53 -8.45
N ILE A 65 -31.86 25.67 -7.20
CA ILE A 65 -30.85 26.67 -6.89
C ILE A 65 -29.54 26.34 -7.61
N LEU A 66 -29.14 25.07 -7.59
CA LEU A 66 -27.91 24.63 -8.22
C LEU A 66 -28.09 24.26 -9.70
N GLN A 67 -29.31 24.27 -10.21
CA GLN A 67 -29.58 23.93 -11.60
C GLN A 67 -29.10 22.50 -11.91
N ALA A 68 -29.33 21.61 -10.96
CA ALA A 68 -28.84 20.24 -11.05
C ALA A 68 -29.89 19.36 -11.73
N ASP A 69 -29.50 18.73 -12.84
CA ASP A 69 -30.34 17.74 -13.51
C ASP A 69 -30.12 16.41 -12.80
N LEU A 70 -31.09 16.01 -11.98
CA LEU A 70 -30.88 14.84 -11.11
C LEU A 70 -30.69 13.57 -11.92
N GLN A 71 -31.49 13.37 -12.97
CA GLN A 71 -31.47 12.13 -13.72
C GLN A 71 -30.41 12.08 -14.80
N ASN A 72 -29.80 13.22 -15.16
CA ASN A 72 -28.83 13.27 -16.24
C ASN A 72 -27.55 14.00 -15.86
N GLY A 73 -27.64 14.93 -14.91
CA GLY A 73 -26.48 15.68 -14.47
C GLY A 73 -26.10 16.80 -15.41
N LEU A 74 -24.98 17.45 -15.09
CA LEU A 74 -24.52 18.61 -15.84
C LEU A 74 -23.76 18.18 -17.09
N ASN A 75 -24.01 18.91 -18.18
CA ASN A 75 -23.34 18.64 -19.45
C ASN A 75 -21.93 19.20 -19.41
N LYS A 76 -21.21 19.05 -20.53
CA LYS A 76 -19.82 19.50 -20.60
C LYS A 76 -19.72 21.02 -20.48
N CYS A 77 -20.56 21.74 -21.24
CA CYS A 77 -20.47 23.20 -21.25
C CYS A 77 -20.79 23.79 -19.88
N GLU A 78 -21.82 23.26 -19.22
CA GLU A 78 -22.18 23.75 -17.89
C GLU A 78 -21.05 23.48 -16.89
N VAL A 79 -20.44 22.31 -16.97
CA VAL A 79 -19.35 21.97 -16.06
C VAL A 79 -18.17 22.91 -16.28
N SER A 80 -17.83 23.17 -17.56
CA SER A 80 -16.71 24.07 -17.84
C SER A 80 -17.01 25.49 -17.36
N HIS A 81 -18.24 25.96 -17.58
CA HIS A 81 -18.60 27.31 -17.15
C HIS A 81 -18.56 27.43 -15.63
N ARG A 82 -19.02 26.40 -14.92
CA ARG A 82 -18.95 26.42 -13.47
C ARG A 82 -17.52 26.28 -12.97
N ARG A 83 -16.67 25.57 -13.71
CA ARG A 83 -15.27 25.47 -13.34
C ARG A 83 -14.55 26.79 -13.53
N ALA A 84 -14.99 27.60 -14.49
CA ALA A 84 -14.36 28.90 -14.71
C ALA A 84 -14.48 29.79 -13.47
N PHE A 85 -15.64 29.76 -12.80
CA PHE A 85 -15.87 30.58 -11.61
C PHE A 85 -15.45 29.85 -10.33
N HIS A 86 -16.05 28.70 -10.05
CA HIS A 86 -15.80 28.01 -8.79
C HIS A 86 -14.44 27.33 -8.74
N GLY A 87 -13.94 26.88 -9.89
CA GLY A 87 -12.67 26.19 -9.92
C GLY A 87 -12.78 24.74 -9.48
N TRP A 88 -11.63 24.17 -9.15
CA TRP A 88 -11.52 22.77 -8.77
C TRP A 88 -11.84 22.59 -7.29
N ASN A 89 -11.91 21.32 -6.87
CA ASN A 89 -12.27 20.96 -5.51
C ASN A 89 -11.07 20.94 -4.56
N GLU A 90 -9.88 21.32 -5.04
CA GLU A 90 -8.70 21.29 -4.19
C GLU A 90 -8.82 22.31 -3.06
N PHE A 91 -8.25 21.97 -1.91
CA PHE A 91 -8.27 22.84 -0.73
C PHE A 91 -7.10 23.83 -0.80
N ASP A 92 -7.16 24.68 -1.84
CA ASP A 92 -6.16 25.72 -2.07
C ASP A 92 -4.80 25.04 -2.25
N ILE A 93 -3.75 25.46 -1.54
CA ILE A 93 -2.43 24.84 -1.62
C ILE A 93 -1.96 24.55 -0.19
N SER A 94 -1.16 23.49 -0.06
CA SER A 94 -0.63 23.08 1.25
C SER A 94 0.19 24.19 1.89
N PRO A 98 4.72 25.23 3.58
CA PRO A 98 5.51 25.23 4.82
C PRO A 98 6.95 24.77 4.57
N LEU A 99 7.51 25.16 3.43
CA LEU A 99 8.87 24.74 3.09
C LEU A 99 9.89 25.29 4.08
N TRP A 100 9.83 26.59 4.37
CA TRP A 100 10.73 27.15 5.37
C TRP A 100 10.36 26.66 6.77
N LYS A 101 9.08 26.42 7.02
CA LYS A 101 8.69 25.78 8.28
C LYS A 101 9.30 24.39 8.39
N LYS A 102 9.27 23.63 7.29
CA LYS A 102 9.90 22.31 7.29
C LYS A 102 11.41 22.43 7.55
N TYR A 103 12.05 23.43 6.94
CA TYR A 103 13.49 23.60 7.15
C TYR A 103 13.80 23.91 8.62
N ILE A 104 13.06 24.84 9.22
CA ILE A 104 13.29 25.18 10.62
C ILE A 104 12.87 24.06 11.56
N SER A 105 12.00 23.14 11.11
CA SER A 105 11.59 22.05 11.98
C SER A 105 12.77 21.15 12.35
N GLN A 106 13.70 20.93 11.42
CA GLN A 106 14.83 20.04 11.69
C GLN A 106 15.74 20.58 12.77
N PHE A 107 15.76 21.91 12.98
CA PHE A 107 16.59 22.49 14.02
C PHE A 107 16.06 22.22 15.43
N LYS A 108 14.87 21.66 15.57
CA LYS A 108 14.28 21.39 16.88
C LYS A 108 14.76 20.07 17.47
N ASN A 109 15.61 19.31 16.77
CA ASN A 109 16.11 18.06 17.32
C ASN A 109 16.98 18.34 18.54
N PRO A 110 17.00 17.44 19.53
CA PRO A 110 17.81 17.73 20.74
C PRO A 110 19.29 17.89 20.47
N LEU A 111 19.85 17.11 19.54
CA LEU A 111 21.29 17.17 19.30
C LEU A 111 21.67 18.43 18.54
N ILE A 112 20.82 18.86 17.60
CA ILE A 112 21.06 20.14 16.92
C ILE A 112 20.96 21.27 17.91
N MET A 113 20.03 21.17 18.87
CA MET A 113 19.93 22.17 19.93
C MET A 113 21.19 22.18 20.79
N LEU A 114 21.75 21.00 21.09
CA LEU A 114 23.00 20.96 21.84
C LEU A 114 24.13 21.62 21.07
N LEU A 115 24.21 21.37 19.76
CA LEU A 115 25.23 22.02 18.95
C LEU A 115 25.04 23.53 18.95
N LEU A 116 23.80 23.99 18.85
CA LEU A 116 23.53 25.43 18.88
C LEU A 116 23.90 26.03 20.23
N ALA A 117 23.66 25.28 21.32
CA ALA A 117 24.08 25.74 22.63
C ALA A 117 25.59 25.86 22.72
N SER A 118 26.31 24.89 22.15
CA SER A 118 27.78 24.98 22.11
C SER A 118 28.23 26.20 21.32
N ALA A 119 27.60 26.45 20.17
CA ALA A 119 27.94 27.62 19.38
C ALA A 119 27.65 28.91 20.13
N VAL A 120 26.54 28.95 20.88
CA VAL A 120 26.21 30.14 21.65
C VAL A 120 27.23 30.35 22.76
N ILE A 121 27.67 29.27 23.40
CA ILE A 121 28.72 29.38 24.42
C ILE A 121 30.01 29.90 23.79
N SER A 122 30.30 29.45 22.56
CA SER A 122 31.46 29.98 21.85
C SER A 122 31.31 31.46 21.57
N VAL A 123 30.10 31.90 21.22
CA VAL A 123 29.88 33.31 20.91
C VAL A 123 30.03 34.16 22.16
N LEU A 124 29.40 33.75 23.27
CA LEU A 124 29.46 34.55 24.50
C LEU A 124 30.88 34.63 25.03
N MET A 125 31.53 33.47 25.21
CA MET A 125 32.96 33.41 25.47
C MET A 125 33.66 33.39 24.11
N HIS A 126 33.83 34.60 23.56
CA HIS A 126 33.97 34.81 22.12
C HIS A 126 35.07 33.97 21.47
N GLN A 127 34.65 33.05 20.60
CA GLN A 127 35.54 32.26 19.75
C GLN A 127 34.86 32.20 18.39
N PHE A 128 35.22 33.16 17.52
CA PHE A 128 34.55 33.30 16.23
C PHE A 128 34.70 32.06 15.37
N ASP A 129 35.91 31.51 15.31
CA ASP A 129 36.17 30.40 14.39
C ASP A 129 35.41 29.15 14.83
N ASP A 130 35.39 28.87 16.14
CA ASP A 130 34.68 27.69 16.62
C ASP A 130 33.19 27.81 16.36
N ALA A 131 32.62 29.00 16.61
CA ALA A 131 31.19 29.20 16.37
C ALA A 131 30.87 29.02 14.88
N VAL A 132 31.71 29.56 14.01
CA VAL A 132 31.48 29.42 12.57
C VAL A 132 31.55 27.96 12.16
N SER A 133 32.54 27.22 12.67
CA SER A 133 32.68 25.81 12.29
C SER A 133 31.49 25.00 12.76
N ILE A 134 31.05 25.21 14.00
CA ILE A 134 29.91 24.46 14.54
C ILE A 134 28.65 24.79 13.74
N THR A 135 28.46 26.08 13.44
CA THR A 135 27.29 26.47 12.66
C THR A 135 27.31 25.85 11.27
N VAL A 136 28.48 25.82 10.62
CA VAL A 136 28.56 25.24 9.29
C VAL A 136 28.26 23.74 9.33
N ALA A 137 28.73 23.06 10.38
CA ALA A 137 28.40 21.64 10.55
C ALA A 137 26.90 21.45 10.67
N ILE A 138 26.26 22.29 11.48
CA ILE A 138 24.80 22.21 11.66
C ILE A 138 24.11 22.42 10.32
N LEU A 139 24.53 23.45 9.57
CA LEU A 139 23.87 23.76 8.31
C LEU A 139 24.02 22.63 7.30
N ILE A 140 25.22 22.05 7.20
CA ILE A 140 25.40 21.01 6.18
C ILE A 140 24.60 19.76 6.52
N VAL A 141 24.60 19.34 7.78
CA VAL A 141 23.84 18.13 8.11
C VAL A 141 22.34 18.37 7.96
N VAL A 142 21.85 19.52 8.42
CA VAL A 142 20.42 19.81 8.33
C VAL A 142 20.01 19.98 6.87
N THR A 143 20.89 20.54 6.04
CA THR A 143 20.58 20.70 4.62
C THR A 143 20.51 19.34 3.92
N VAL A 144 21.40 18.42 4.27
CA VAL A 144 21.32 17.08 3.70
C VAL A 144 19.99 16.43 4.07
N ALA A 145 19.62 16.55 5.35
CA ALA A 145 18.35 15.98 5.80
C ALA A 145 17.17 16.60 5.06
N PHE A 146 17.18 17.92 4.92
CA PHE A 146 16.09 18.62 4.24
C PHE A 146 15.99 18.20 2.78
N VAL A 147 17.11 18.12 2.09
CA VAL A 147 17.08 17.76 0.66
C VAL A 147 16.53 16.35 0.49
N GLN A 148 16.98 15.40 1.31
CA GLN A 148 16.50 14.03 1.16
C GLN A 148 15.01 13.93 1.52
N GLU A 149 14.58 14.63 2.58
CA GLU A 149 13.16 14.64 2.93
C GLU A 149 12.32 15.22 1.80
N TYR A 150 12.77 16.33 1.21
CA TYR A 150 12.03 16.96 0.12
C TYR A 150 11.92 16.02 -1.07
N ARG A 151 13.03 15.36 -1.44
CA ARG A 151 12.98 14.43 -2.55
C ARG A 151 12.02 13.28 -2.29
N SER A 152 12.06 12.73 -1.08
CA SER A 152 11.17 11.61 -0.74
C SER A 152 9.71 12.05 -0.80
N GLU A 153 9.40 13.21 -0.23
CA GLU A 153 8.00 13.65 -0.17
C GLU A 153 7.48 13.99 -1.56
N LYS A 154 8.33 14.57 -2.42
CA LYS A 154 7.87 14.88 -3.78
C LYS A 154 7.72 13.61 -4.61
N SER A 155 8.58 12.61 -4.41
CA SER A 155 8.39 11.35 -5.10
C SER A 155 7.10 10.67 -4.64
N LEU A 156 6.81 10.73 -3.35
CA LEU A 156 5.56 10.19 -2.84
C LEU A 156 4.36 10.91 -3.44
N GLU A 157 4.44 12.24 -3.56
CA GLU A 157 3.34 12.99 -4.16
C GLU A 157 3.15 12.62 -5.63
N GLU A 158 4.26 12.46 -6.36
CA GLU A 158 4.16 12.08 -7.77
C GLU A 158 3.50 10.71 -7.90
N LEU A 159 3.88 9.77 -7.03
CA LEU A 159 3.26 8.45 -7.08
C LEU A 159 1.78 8.52 -6.70
N SER A 160 1.44 9.31 -5.67
CA SER A 160 0.06 9.42 -5.23
C SER A 160 -0.82 10.07 -6.28
N LYS A 161 -0.23 10.91 -7.15
CA LYS A 161 -0.98 11.46 -8.27
C LYS A 161 -1.50 10.36 -9.19
N LEU A 162 -0.81 9.22 -9.26
CA LEU A 162 -1.27 8.10 -10.07
C LEU A 162 -2.36 7.29 -9.37
N VAL A 163 -2.65 7.58 -8.11
CA VAL A 163 -3.78 6.99 -7.37
C VAL A 163 -4.56 8.15 -6.78
N PRO A 164 -5.32 8.91 -7.59
CA PRO A 164 -5.95 10.12 -7.07
C PRO A 164 -7.30 9.81 -6.44
N PRO A 165 -7.84 10.70 -5.61
CA PRO A 165 -9.23 10.54 -5.18
C PRO A 165 -10.16 10.57 -6.38
N GLU A 166 -11.21 9.75 -6.31
CA GLU A 166 -12.11 9.60 -7.44
C GLU A 166 -13.51 9.27 -6.92
N CYS A 167 -14.47 9.30 -7.83
CA CYS A 167 -15.86 9.05 -7.49
C CYS A 167 -16.62 8.73 -8.78
N HIS A 168 -17.89 8.38 -8.62
CA HIS A 168 -18.78 8.08 -9.73
C HIS A 168 -19.70 9.27 -9.95
N CYS A 169 -19.72 9.78 -11.18
CA CYS A 169 -20.49 10.98 -11.51
C CYS A 169 -21.22 10.75 -12.82
N VAL A 170 -22.50 11.09 -12.86
CA VAL A 170 -23.30 11.05 -14.07
C VAL A 170 -23.47 12.47 -14.57
N ARG A 171 -22.89 12.76 -15.74
CA ARG A 171 -22.82 14.12 -16.27
C ARG A 171 -23.59 14.28 -17.58
N GLU A 172 -23.26 13.49 -18.60
CA GLU A 172 -23.90 13.59 -19.91
C GLU A 172 -25.03 12.57 -20.08
N GLY A 173 -25.66 12.17 -18.98
CA GLY A 173 -26.53 11.03 -18.99
C GLY A 173 -25.81 9.69 -19.00
N LYS A 174 -24.49 9.70 -18.91
CA LYS A 174 -23.65 8.51 -18.90
C LYS A 174 -22.82 8.55 -17.63
N LEU A 175 -22.87 7.48 -16.84
CA LEU A 175 -22.10 7.42 -15.60
C LEU A 175 -20.63 7.21 -15.92
N GLU A 176 -19.76 7.94 -15.23
CA GLU A 176 -18.33 7.92 -15.47
C GLU A 176 -17.59 7.92 -14.15
N HIS A 177 -16.33 7.47 -14.21
CA HIS A 177 -15.41 7.47 -13.07
C HIS A 177 -14.56 8.72 -13.20
N THR A 178 -14.87 9.74 -12.39
CA THR A 178 -14.26 11.05 -12.49
C THR A 178 -13.65 11.47 -11.16
N LEU A 179 -12.61 12.31 -11.24
CA LEU A 179 -11.93 12.77 -10.05
C LEU A 179 -12.85 13.64 -9.20
N ALA A 180 -12.73 13.51 -7.88
CA ALA A 180 -13.41 14.45 -6.98
C ALA A 180 -12.89 15.87 -7.15
N ARG A 181 -11.67 16.02 -7.66
CA ARG A 181 -11.12 17.35 -7.95
C ARG A 181 -11.97 18.07 -8.99
N ASP A 182 -12.45 17.36 -10.01
CA ASP A 182 -13.16 17.97 -11.12
C ASP A 182 -14.61 18.31 -10.79
N LEU A 183 -15.12 17.92 -9.63
CA LEU A 183 -16.53 18.16 -9.31
C LEU A 183 -16.80 19.65 -9.17
N VAL A 184 -17.94 20.07 -9.70
CA VAL A 184 -18.44 21.44 -9.58
C VAL A 184 -19.81 21.38 -8.92
N PRO A 185 -20.27 22.47 -8.31
CA PRO A 185 -21.57 22.42 -7.62
C PRO A 185 -22.72 22.09 -8.56
N GLY A 186 -23.70 21.36 -8.02
CA GLY A 186 -24.86 20.93 -8.78
C GLY A 186 -24.67 19.65 -9.55
N ASP A 187 -23.50 19.01 -9.50
CA ASP A 187 -23.28 17.76 -10.19
C ASP A 187 -23.88 16.60 -9.42
N THR A 188 -24.24 15.54 -10.15
CA THR A 188 -24.89 14.37 -9.58
C THR A 188 -23.84 13.32 -9.27
N VAL A 189 -23.78 12.88 -8.01
CA VAL A 189 -22.79 11.92 -7.53
C VAL A 189 -23.51 10.74 -6.91
N CYS A 190 -23.10 9.54 -7.29
CA CYS A 190 -23.65 8.29 -6.80
C CYS A 190 -22.67 7.67 -5.80
N LEU A 191 -23.15 7.43 -4.58
CA LEU A 191 -22.35 6.84 -3.52
C LEU A 191 -22.62 5.34 -3.43
N SER A 192 -21.55 4.56 -3.37
CA SER A 192 -21.60 3.11 -3.24
C SER A 192 -21.08 2.72 -1.86
N VAL A 193 -21.03 1.40 -1.63
CA VAL A 193 -20.44 0.88 -0.40
C VAL A 193 -18.93 1.04 -0.47
N GLY A 194 -18.33 1.52 0.62
CA GLY A 194 -16.90 1.71 0.68
C GLY A 194 -16.42 2.78 -0.28
N ASP A 195 -17.13 3.89 -0.33
CA ASP A 195 -16.77 5.05 -1.14
C ASP A 195 -16.45 6.23 -0.24
N ARG A 196 -15.42 6.99 -0.62
CA ARG A 196 -15.15 8.27 0.02
C ARG A 196 -16.03 9.33 -0.61
N VAL A 197 -16.74 10.09 0.22
CA VAL A 197 -17.66 11.11 -0.29
C VAL A 197 -16.81 12.22 -0.90
N PRO A 198 -16.96 12.55 -2.20
CA PRO A 198 -16.04 13.54 -2.80
C PRO A 198 -16.38 14.97 -2.45
N ALA A 199 -17.58 15.25 -1.94
CA ALA A 199 -17.97 16.60 -1.60
C ALA A 199 -19.23 16.53 -0.75
N ASP A 200 -19.59 17.66 -0.16
CA ASP A 200 -20.86 17.76 0.55
C ASP A 200 -22.00 17.52 -0.43
N LEU A 201 -22.83 16.52 -0.13
CA LEU A 201 -23.86 16.05 -1.05
C LEU A 201 -25.22 16.17 -0.41
N ARG A 202 -26.19 16.62 -1.20
CA ARG A 202 -27.60 16.66 -0.81
C ARG A 202 -28.24 15.37 -1.33
N LEU A 203 -28.41 14.40 -0.45
CA LEU A 203 -28.86 13.08 -0.86
C LEU A 203 -30.34 13.12 -1.20
N PHE A 204 -30.67 12.78 -2.45
CA PHE A 204 -32.05 12.61 -2.88
C PHE A 204 -32.42 11.15 -3.15
N GLU A 205 -31.46 10.22 -3.00
CA GLU A 205 -31.77 8.80 -2.98
C GLU A 205 -30.94 8.14 -1.89
N ALA A 206 -31.60 7.44 -0.97
CA ALA A 206 -30.92 6.64 0.04
C ALA A 206 -31.78 5.39 0.27
N VAL A 207 -31.48 4.33 -0.49
CA VAL A 207 -32.14 3.04 -0.30
C VAL A 207 -31.74 2.53 1.07
N ASP A 208 -30.44 2.29 1.25
CA ASP A 208 -29.83 2.12 2.55
C ASP A 208 -28.53 2.90 2.55
N LEU A 209 -28.18 3.45 3.71
CA LEU A 209 -26.92 4.19 3.81
C LEU A 209 -26.44 4.31 5.25
N SER A 210 -25.34 3.64 5.55
CA SER A 210 -24.57 3.91 6.76
C SER A 210 -23.24 4.54 6.38
N ILE A 211 -22.99 5.74 6.89
CA ILE A 211 -21.76 6.47 6.62
C ILE A 211 -21.11 6.78 7.95
N ASP A 212 -19.88 6.32 8.14
CA ASP A 212 -19.14 6.63 9.36
C ASP A 212 -18.79 8.11 9.40
N GLU A 213 -18.73 8.66 10.62
CA GLU A 213 -18.39 10.06 10.85
C GLU A 213 -17.21 10.20 11.80
N SER A 214 -16.38 9.16 11.93
CA SER A 214 -15.25 9.22 12.84
C SER A 214 -14.23 10.26 12.40
N SER A 215 -13.96 10.34 11.09
CA SER A 215 -12.96 11.27 10.60
C SER A 215 -13.37 12.73 10.76
N LEU A 216 -14.67 13.01 10.90
CA LEU A 216 -15.18 14.38 11.03
C LEU A 216 -15.73 14.64 12.43
N THR A 217 -16.69 13.84 12.88
CA THR A 217 -17.35 14.09 14.15
C THR A 217 -16.51 13.61 15.33
N GLY A 218 -16.12 12.33 15.31
CA GLY A 218 -15.41 11.70 16.40
C GLY A 218 -16.12 10.49 16.97
N GLU A 219 -17.32 10.19 16.48
CA GLU A 219 -18.10 9.04 16.91
C GLU A 219 -17.88 7.91 15.92
N THR A 220 -17.39 6.77 16.42
CA THR A 220 -17.09 5.65 15.56
C THR A 220 -18.34 4.94 15.05
N THR A 221 -19.48 5.13 15.71
CA THR A 221 -20.70 4.47 15.29
C THR A 221 -21.14 5.00 13.93
N PRO A 222 -21.46 4.16 12.95
CA PRO A 222 -22.03 4.68 11.70
C PRO A 222 -23.39 5.33 11.95
N CYS A 223 -23.68 6.34 11.14
CA CYS A 223 -24.93 7.10 11.23
C CYS A 223 -25.77 6.82 10.00
N SER A 224 -27.01 6.38 10.20
CA SER A 224 -27.92 6.12 9.09
C SER A 224 -28.42 7.43 8.51
N LYS A 225 -28.57 7.46 7.18
CA LYS A 225 -28.99 8.64 6.45
C LYS A 225 -30.40 8.45 5.91
N VAL A 226 -31.20 9.51 5.99
CA VAL A 226 -32.57 9.55 5.47
C VAL A 226 -32.67 10.67 4.46
N THR A 227 -33.20 10.35 3.28
CA THR A 227 -33.22 11.30 2.17
C THR A 227 -34.23 12.43 2.36
N ALA A 228 -35.18 12.30 3.29
CA ALA A 228 -36.21 13.31 3.44
C ALA A 228 -35.62 14.60 4.02
N PRO A 229 -36.27 15.74 3.80
CA PRO A 229 -35.75 16.99 4.40
C PRO A 229 -35.83 16.95 5.93
N GLN A 230 -34.87 17.63 6.55
CA GLN A 230 -34.78 17.73 8.00
C GLN A 230 -35.07 19.17 8.42
N PRO A 231 -36.11 19.47 9.20
CA PRO A 231 -36.34 20.87 9.59
C PRO A 231 -35.25 21.38 10.50
N ALA A 232 -34.98 22.69 10.39
CA ALA A 232 -33.98 23.37 11.21
C ALA A 232 -32.60 22.73 11.04
N ALA A 239 -23.61 17.87 12.53
CA ALA A 239 -23.48 16.48 12.93
C ALA A 239 -24.81 15.75 12.80
N SER A 240 -25.89 16.44 13.10
CA SER A 240 -27.24 15.87 13.02
C SER A 240 -27.86 15.99 11.64
N ARG A 241 -27.08 16.35 10.63
CA ARG A 241 -27.59 16.49 9.26
C ARG A 241 -27.79 15.09 8.69
N SER A 242 -28.95 14.52 9.00
CA SER A 242 -29.24 13.13 8.63
C SER A 242 -29.31 12.93 7.12
N ASN A 243 -29.56 13.99 6.35
CA ASN A 243 -29.70 13.88 4.90
C ASN A 243 -28.50 14.40 4.11
N ILE A 244 -27.58 15.12 4.76
CA ILE A 244 -26.39 15.64 4.10
C ILE A 244 -25.23 14.69 4.32
N ALA A 245 -24.52 14.35 3.25
CA ALA A 245 -23.32 13.51 3.29
C ALA A 245 -22.11 14.42 3.12
N PHE A 246 -21.37 14.63 4.20
CA PHE A 246 -20.27 15.59 4.18
C PHE A 246 -19.11 15.07 3.34
N MET A 247 -18.20 15.97 2.99
CA MET A 247 -17.02 15.62 2.21
C MET A 247 -16.10 14.71 3.02
N GLY A 248 -15.51 13.72 2.35
CA GLY A 248 -14.41 12.97 2.89
C GLY A 248 -14.77 11.82 3.80
N THR A 249 -16.02 11.71 4.24
CA THR A 249 -16.41 10.56 5.04
C THR A 249 -16.46 9.31 4.17
N LEU A 250 -16.77 8.18 4.80
CA LEU A 250 -16.75 6.88 4.15
C LEU A 250 -18.10 6.20 4.30
N VAL A 251 -18.58 5.61 3.21
CA VAL A 251 -19.90 4.97 3.18
C VAL A 251 -19.73 3.52 3.61
N ARG A 252 -20.32 3.16 4.75
CA ARG A 252 -20.14 1.81 5.28
C ARG A 252 -21.00 0.80 4.53
N CYS A 253 -22.18 1.19 4.09
CA CYS A 253 -23.12 0.22 3.51
C CYS A 253 -24.10 0.93 2.59
N GLY A 254 -24.64 0.16 1.65
CA GLY A 254 -25.75 0.63 0.82
C GLY A 254 -25.32 1.50 -0.34
N LYS A 255 -26.33 2.03 -1.01
CA LYS A 255 -26.16 2.91 -2.17
C LYS A 255 -26.98 4.17 -1.97
N ALA A 256 -26.57 5.25 -2.65
CA ALA A 256 -27.27 6.52 -2.55
C ALA A 256 -26.91 7.39 -3.75
N LYS A 257 -27.64 8.48 -3.89
CA LYS A 257 -27.40 9.45 -4.95
C LYS A 257 -27.72 10.84 -4.43
N GLY A 258 -26.83 11.80 -4.70
CA GLY A 258 -26.99 13.16 -4.22
C GLY A 258 -26.49 14.16 -5.24
N VAL A 259 -26.69 15.45 -4.91
CA VAL A 259 -26.19 16.56 -5.72
C VAL A 259 -25.23 17.37 -4.85
N VAL A 260 -24.05 17.64 -5.39
CA VAL A 260 -23.00 18.31 -4.62
C VAL A 260 -23.40 19.77 -4.38
N ILE A 261 -23.28 20.20 -3.12
CA ILE A 261 -23.69 21.53 -2.70
C ILE A 261 -22.50 22.41 -2.35
N GLY A 262 -21.29 22.02 -2.73
CA GLY A 262 -20.12 22.81 -2.42
C GLY A 262 -18.88 22.26 -3.09
N THR A 263 -17.88 23.11 -3.21
CA THR A 263 -16.62 22.74 -3.84
C THR A 263 -15.51 23.58 -3.24
N GLY A 264 -14.32 22.99 -3.18
CA GLY A 264 -13.18 23.70 -2.60
C GLY A 264 -13.38 23.89 -1.11
N GLU A 265 -13.26 25.14 -0.66
CA GLU A 265 -13.37 25.47 0.75
C GLU A 265 -14.80 25.62 1.23
N ASN A 266 -15.79 25.45 0.34
CA ASN A 266 -17.19 25.58 0.73
C ASN A 266 -17.68 24.42 1.59
N SER A 267 -16.89 23.36 1.74
CA SER A 267 -17.32 22.21 2.52
C SER A 267 -17.53 22.59 3.98
N GLU A 268 -18.50 21.93 4.62
CA GLU A 268 -18.84 22.25 6.00
C GLU A 268 -17.68 21.93 6.94
N PHE A 269 -17.00 20.82 6.69
CA PHE A 269 -15.93 20.34 7.58
C PHE A 269 -14.61 20.23 6.83
N GLY A 270 -14.25 21.29 6.08
CA GLY A 270 -12.96 21.32 5.42
C GLY A 270 -11.80 21.65 6.34
N GLU A 271 -12.06 22.27 7.49
CA GLU A 271 -10.98 22.68 8.38
C GLU A 271 -10.30 21.47 9.02
N VAL A 272 -11.04 20.40 9.30
CA VAL A 272 -10.40 19.21 9.85
C VAL A 272 -9.45 18.60 8.83
N PHE A 273 -9.84 18.61 7.55
CA PHE A 273 -8.96 18.11 6.50
C PHE A 273 -7.74 19.01 6.33
N LYS A 274 -7.93 20.33 6.43
CA LYS A 274 -6.78 21.24 6.40
C LYS A 274 -5.83 20.93 7.54
N MET A 275 -6.37 20.60 8.72
CA MET A 275 -5.53 20.21 9.84
C MET A 275 -4.81 18.89 9.57
N MET A 276 -5.52 17.92 8.97
CA MET A 276 -4.92 16.63 8.67
C MET A 276 -3.76 16.78 7.69
N GLN A 277 -3.90 17.65 6.70
CA GLN A 277 -2.80 17.89 5.77
C GLN A 277 -1.59 18.48 6.48
N ALA A 278 -1.81 19.25 7.54
CA ALA A 278 -0.74 19.87 8.33
C ALA A 278 -0.46 19.11 9.62
N GLU A 279 -1.02 17.91 9.80
CA GLU A 279 -0.83 17.18 11.04
C GLU A 279 0.60 16.71 11.23
N GLU A 280 1.37 16.59 10.13
CA GLU A 280 2.72 16.04 10.18
C GLU A 280 2.66 14.58 10.63
N ALA A 281 3.82 13.95 10.88
CA ALA A 281 3.90 12.54 11.33
C ALA A 281 4.68 12.45 12.65
N PRO A 282 4.29 11.61 13.64
CA PRO A 282 5.11 11.42 14.83
C PRO A 282 6.40 10.70 14.39
N LYS A 283 7.51 10.88 15.11
CA LYS A 283 8.81 10.26 14.74
C LYS A 283 8.64 8.75 14.69
N THR A 284 9.40 8.07 13.85
CA THR A 284 9.36 6.62 13.74
C THR A 284 9.92 6.01 15.03
N PRO A 285 9.49 4.79 15.41
CA PRO A 285 10.11 4.15 16.58
C PRO A 285 11.61 3.99 16.48
N LEU A 286 12.14 3.69 15.28
CA LEU A 286 13.58 3.71 15.09
C LEU A 286 14.15 5.11 15.33
N GLN A 287 13.44 6.14 14.87
CA GLN A 287 13.91 7.50 15.09
C GLN A 287 13.95 7.85 16.57
N LYS A 288 12.93 7.44 17.32
CA LYS A 288 12.94 7.66 18.77
C LYS A 288 14.07 6.87 19.43
N SER A 289 14.28 5.62 19.00
CA SER A 289 15.34 4.80 19.57
C SER A 289 16.71 5.42 19.33
N MET A 290 16.92 6.00 18.14
CA MET A 290 18.21 6.61 17.85
C MET A 290 18.35 8.00 18.46
N ASP A 291 17.25 8.72 18.69
CA ASP A 291 17.35 9.91 19.52
C ASP A 291 17.82 9.53 20.92
N LEU A 292 17.28 8.44 21.46
CA LEU A 292 17.71 7.96 22.77
C LEU A 292 19.18 7.53 22.75
N LEU A 293 19.60 6.81 21.70
CA LEU A 293 20.99 6.35 21.62
C LEU A 293 21.93 7.53 21.48
N GLY A 294 21.56 8.53 20.68
CA GLY A 294 22.37 9.73 20.56
C GLY A 294 22.49 10.47 21.87
N LYS A 295 21.38 10.56 22.62
CA LYS A 295 21.45 11.19 23.94
C LYS A 295 22.36 10.41 24.88
N GLN A 296 22.28 9.08 24.85
CA GLN A 296 23.13 8.26 25.71
C GLN A 296 24.60 8.45 25.37
N LEU A 297 24.95 8.39 24.08
CA LEU A 297 26.33 8.57 23.66
C LEU A 297 26.83 9.96 24.01
N SER A 298 25.99 10.98 23.79
CA SER A 298 26.39 12.35 24.08
C SER A 298 26.61 12.53 25.58
N PHE A 299 25.77 11.92 26.42
CA PHE A 299 25.92 12.09 27.86
C PHE A 299 27.14 11.35 28.38
N TYR A 300 27.43 10.15 27.85
CA TYR A 300 28.67 9.48 28.20
C TYR A 300 29.88 10.31 27.80
N SER A 301 29.85 10.88 26.60
CA SER A 301 30.97 11.71 26.14
C SER A 301 31.09 12.97 26.99
N PHE A 302 29.97 13.55 27.38
CA PHE A 302 29.99 14.73 28.25
C PHE A 302 30.60 14.39 29.61
N GLY A 303 30.28 13.22 30.16
CA GLY A 303 30.93 12.79 31.39
C GLY A 303 32.43 12.66 31.21
N ILE A 304 32.85 12.07 30.09
CA ILE A 304 34.28 11.92 29.82
C ILE A 304 34.94 13.29 29.72
N ILE A 305 34.31 14.22 28.99
CA ILE A 305 34.87 15.56 28.83
C ILE A 305 34.89 16.30 30.15
N GLY A 306 33.93 16.02 31.04
CA GLY A 306 34.00 16.57 32.38
C GLY A 306 35.21 16.05 33.15
N ILE A 307 35.51 14.76 32.99
CA ILE A 307 36.72 14.21 33.59
C ILE A 307 37.95 14.91 33.02
N ILE A 308 37.97 15.17 31.71
CA ILE A 308 39.09 15.87 31.10
C ILE A 308 39.20 17.29 31.67
N MET A 309 38.06 17.96 31.84
CA MET A 309 38.05 19.29 32.46
C MET A 309 38.68 19.26 33.84
N LEU A 310 38.24 18.32 34.68
CA LEU A 310 38.77 18.25 36.04
C LEU A 310 40.26 17.94 36.04
N VAL A 311 40.70 17.01 35.19
CA VAL A 311 42.12 16.66 35.14
C VAL A 311 42.94 17.87 34.68
N GLY A 312 42.46 18.57 33.65
CA GLY A 312 43.19 19.71 33.14
C GLY A 312 43.29 20.84 34.15
N TRP A 313 42.22 21.06 34.91
CA TRP A 313 42.18 22.15 35.91
C TRP A 313 43.08 21.79 37.08
N LEU A 314 43.06 20.52 37.54
CA LEU A 314 43.82 20.14 38.73
C LEU A 314 45.31 20.02 38.42
N LEU A 315 45.66 19.39 37.29
CA LEU A 315 47.07 19.25 36.95
C LEU A 315 47.68 20.59 36.57
N GLY A 316 46.89 21.48 35.97
CA GLY A 316 47.33 22.82 35.63
C GLY A 316 47.53 23.02 34.14
N LYS A 317 46.57 23.69 33.50
CA LYS A 317 46.65 23.99 32.08
C LYS A 317 45.83 25.24 31.80
N ASP A 318 46.13 25.88 30.66
CA ASP A 318 45.40 27.10 30.24
C ASP A 318 43.93 26.71 30.26
N ILE A 319 43.11 27.38 31.07
CA ILE A 319 41.69 27.06 31.22
C ILE A 319 40.89 27.46 29.98
N LEU A 320 41.29 28.54 29.30
CA LEU A 320 40.56 28.94 28.10
C LEU A 320 40.76 27.92 26.98
N GLU A 321 42.00 27.48 26.78
CA GLU A 321 42.27 26.43 25.80
C GLU A 321 41.56 25.14 26.18
N MET A 322 41.51 24.83 27.48
CA MET A 322 40.80 23.64 27.93
C MET A 322 39.32 23.74 27.61
N PHE A 323 38.72 24.91 27.84
CA PHE A 323 37.30 25.09 27.52
C PHE A 323 37.05 24.95 26.03
N THR A 324 37.91 25.54 25.19
CA THR A 324 37.70 25.46 23.74
C THR A 324 37.85 24.02 23.25
N ILE A 325 38.89 23.32 23.72
CA ILE A 325 39.11 21.95 23.25
C ILE A 325 37.98 21.04 23.76
N SER A 326 37.49 21.28 24.97
CA SER A 326 36.38 20.47 25.47
C SER A 326 35.09 20.77 24.74
N VAL A 327 34.87 22.03 24.34
CA VAL A 327 33.70 22.35 23.53
C VAL A 327 33.79 21.66 22.18
N SER A 328 34.97 21.67 21.57
CA SER A 328 35.14 20.98 20.29
C SER A 328 34.91 19.48 20.44
N LEU A 329 35.42 18.89 21.53
CA LEU A 329 35.21 17.47 21.77
C LEU A 329 33.73 17.16 22.00
N ALA A 330 33.02 18.01 22.74
CA ALA A 330 31.60 17.78 22.97
C ALA A 330 30.82 17.86 21.67
N VAL A 331 31.15 18.84 20.82
CA VAL A 331 30.50 18.93 19.51
C VAL A 331 30.84 17.70 18.68
N ALA A 332 32.06 17.20 18.79
CA ALA A 332 32.49 16.05 18.00
C ALA A 332 31.73 14.79 18.41
N ALA A 333 31.70 14.51 19.72
CA ALA A 333 31.16 13.23 20.18
C ALA A 333 29.64 13.19 20.10
N ILE A 334 28.98 14.34 20.03
CA ILE A 334 27.52 14.37 19.87
C ILE A 334 27.21 13.78 18.49
N PRO A 335 26.46 12.67 18.39
CA PRO A 335 26.15 12.14 17.05
C PRO A 335 25.04 12.95 16.36
N GLU A 336 25.41 14.16 15.91
CA GLU A 336 24.43 15.03 15.28
C GLU A 336 23.87 14.41 13.99
N GLY A 337 24.69 13.63 13.30
CA GLY A 337 24.29 13.00 12.06
C GLY A 337 23.55 11.69 12.21
N LEU A 338 23.30 11.24 13.44
CA LEU A 338 22.66 9.95 13.66
C LEU A 338 21.15 10.02 13.40
N PRO A 339 20.40 10.95 13.99
CA PRO A 339 19.00 11.11 13.54
C PRO A 339 18.92 11.49 12.08
N ILE A 340 19.88 12.28 11.60
CA ILE A 340 19.85 12.72 10.21
C ILE A 340 20.12 11.55 9.27
N VAL A 341 21.08 10.67 9.61
CA VAL A 341 21.32 9.54 8.72
C VAL A 341 20.15 8.57 8.79
N VAL A 342 19.50 8.45 9.95
CA VAL A 342 18.31 7.61 10.05
C VAL A 342 17.22 8.14 9.12
N THR A 343 16.99 9.45 9.16
CA THR A 343 15.99 10.06 8.31
C THR A 343 16.35 9.90 6.84
N VAL A 344 17.64 10.06 6.51
CA VAL A 344 18.08 9.94 5.12
C VAL A 344 17.86 8.52 4.62
N THR A 345 18.20 7.52 5.44
CA THR A 345 18.00 6.13 5.05
C THR A 345 16.52 5.81 4.86
N LEU A 346 15.67 6.29 5.77
CA LEU A 346 14.23 6.07 5.62
C LEU A 346 13.71 6.73 4.35
N ALA A 347 14.15 7.97 4.08
CA ALA A 347 13.74 8.67 2.87
C ALA A 347 14.15 7.90 1.62
N LEU A 348 15.41 7.46 1.57
CA LEU A 348 15.90 6.72 0.41
C LEU A 348 15.15 5.41 0.24
N GLY A 349 14.83 4.74 1.34
CA GLY A 349 13.99 3.56 1.24
C GLY A 349 12.63 3.87 0.66
N VAL A 350 12.03 4.99 1.08
CA VAL A 350 10.74 5.39 0.53
C VAL A 350 10.83 5.61 -0.97
N MET A 351 11.89 6.29 -1.43
CA MET A 351 12.06 6.47 -2.87
C MET A 351 12.27 5.13 -3.57
N ARG A 352 12.97 4.20 -2.90
CA ARG A 352 13.21 2.90 -3.52
C ARG A 352 11.91 2.13 -3.74
N MET A 353 11.00 2.18 -2.76
CA MET A 353 9.71 1.50 -2.98
C MET A 353 8.82 2.30 -3.92
N VAL A 354 8.98 3.62 -3.98
CA VAL A 354 8.22 4.41 -4.95
C VAL A 354 8.65 4.05 -6.36
N LYS A 355 9.93 3.74 -6.56
CA LYS A 355 10.38 3.21 -7.83
C LYS A 355 9.78 1.85 -8.13
N LYS A 356 9.39 1.10 -7.09
CA LYS A 356 8.72 -0.19 -7.22
C LYS A 356 7.20 -0.08 -7.17
N ARG A 357 6.65 1.13 -7.30
CA ARG A 357 5.20 1.36 -7.34
C ARG A 357 4.54 0.90 -6.04
N ALA A 358 4.94 1.55 -4.95
CA ALA A 358 4.37 1.28 -3.62
C ALA A 358 4.26 2.60 -2.88
N ILE A 359 3.03 3.11 -2.74
CA ILE A 359 2.79 4.34 -1.99
C ILE A 359 2.90 3.98 -0.51
N VAL A 360 3.93 4.50 0.15
CA VAL A 360 4.13 4.31 1.58
C VAL A 360 3.45 5.47 2.32
N LYS A 361 2.22 5.24 2.77
CA LYS A 361 1.46 6.32 3.42
C LYS A 361 2.13 6.75 4.71
N LYS A 362 2.59 5.80 5.52
CA LYS A 362 3.17 6.08 6.83
C LYS A 362 4.62 5.65 6.87
N LEU A 363 5.47 6.54 7.36
CA LEU A 363 6.90 6.26 7.44
C LEU A 363 7.26 5.04 8.29
N PRO A 364 6.61 4.76 9.45
CA PRO A 364 7.03 3.59 10.25
C PRO A 364 6.92 2.23 9.58
N ILE A 365 6.35 2.16 8.38
CA ILE A 365 6.36 0.90 7.64
C ILE A 365 7.75 0.57 7.13
N VAL A 366 8.58 1.59 6.88
CA VAL A 366 9.87 1.35 6.23
C VAL A 366 10.81 0.60 7.16
N GLU A 367 10.83 0.95 8.45
CA GLU A 367 11.59 0.15 9.40
C GLU A 367 11.05 -1.27 9.51
N THR A 368 9.74 -1.44 9.30
CA THR A 368 9.06 -2.69 9.61
C THR A 368 9.01 -3.67 8.44
N LEU A 369 9.22 -3.20 7.21
CA LEU A 369 9.13 -4.11 6.06
C LEU A 369 10.28 -5.10 6.03
N GLY A 370 11.43 -4.74 6.60
CA GLY A 370 12.54 -5.66 6.67
C GLY A 370 12.32 -6.82 7.62
N CYS A 371 11.40 -6.68 8.57
CA CYS A 371 11.10 -7.69 9.56
C CYS A 371 9.93 -8.58 9.17
N CYS A 372 9.30 -8.35 8.02
CA CYS A 372 8.09 -9.06 7.66
C CYS A 372 8.38 -10.50 7.30
N ASN A 373 7.59 -11.42 7.85
CA ASN A 373 7.71 -12.85 7.57
C ASN A 373 6.40 -13.53 7.24
N VAL A 374 5.25 -12.99 7.66
CA VAL A 374 3.95 -13.59 7.45
C VAL A 374 3.04 -12.56 6.80
N ILE A 375 2.32 -12.98 5.76
CA ILE A 375 1.41 -12.13 5.00
C ILE A 375 0.04 -12.79 5.06
N CYS A 376 -0.91 -12.14 5.74
CA CYS A 376 -2.25 -12.70 5.95
C CYS A 376 -3.20 -12.08 4.94
N SER A 377 -3.10 -12.55 3.70
CA SER A 377 -3.88 -11.97 2.62
C SER A 377 -5.34 -12.42 2.69
N ASP A 378 -6.16 -11.85 1.81
CA ASP A 378 -7.58 -12.16 1.69
C ASP A 378 -7.85 -12.81 0.34
N LYS A 379 -8.83 -13.72 0.31
CA LYS A 379 -9.15 -14.39 -0.93
C LYS A 379 -9.83 -13.44 -1.91
N THR A 380 -10.78 -12.65 -1.43
CA THR A 380 -11.60 -11.80 -2.29
C THR A 380 -11.01 -10.40 -2.34
N GLY A 381 -10.63 -9.96 -3.53
CA GLY A 381 -10.12 -8.63 -3.75
C GLY A 381 -8.62 -8.51 -3.73
N THR A 382 -7.90 -9.46 -3.09
CA THR A 382 -6.46 -9.39 -2.95
C THR A 382 -5.77 -10.54 -3.69
N LEU A 383 -6.14 -11.79 -3.35
CA LEU A 383 -5.62 -12.95 -4.05
C LEU A 383 -6.49 -13.35 -5.24
N THR A 384 -7.65 -12.72 -5.42
CA THR A 384 -8.50 -12.92 -6.58
C THR A 384 -8.82 -11.57 -7.20
N LYS A 385 -8.97 -11.56 -8.52
CA LYS A 385 -9.17 -10.30 -9.24
C LYS A 385 -10.51 -9.64 -8.93
N ASN A 386 -11.42 -10.33 -8.23
CA ASN A 386 -12.66 -9.76 -7.73
C ASN A 386 -13.68 -9.47 -8.83
N GLU A 387 -13.48 -10.06 -10.02
CA GLU A 387 -14.42 -9.89 -11.13
C GLU A 387 -15.38 -11.09 -11.15
N MET A 388 -16.27 -11.09 -10.17
CA MET A 388 -17.14 -12.23 -9.93
C MET A 388 -18.16 -12.40 -11.06
N THR A 389 -18.62 -13.63 -11.22
CA THR A 389 -19.68 -13.93 -12.18
C THR A 389 -20.43 -15.19 -11.73
N VAL A 390 -21.75 -15.13 -11.74
CA VAL A 390 -22.56 -16.32 -11.44
C VAL A 390 -22.56 -17.21 -12.66
N THR A 391 -22.13 -18.47 -12.49
CA THR A 391 -21.98 -19.42 -13.58
C THR A 391 -22.84 -20.67 -13.43
N HIS A 392 -23.14 -21.10 -12.21
CA HIS A 392 -23.88 -22.33 -11.95
C HIS A 392 -24.96 -22.07 -10.92
N ILE A 393 -26.15 -22.61 -11.17
CA ILE A 393 -27.29 -22.49 -10.27
C ILE A 393 -27.82 -23.89 -10.00
N PHE A 394 -27.97 -24.23 -8.71
CA PHE A 394 -28.61 -25.47 -8.30
C PHE A 394 -29.90 -25.12 -7.57
N THR A 395 -31.03 -25.45 -8.18
CA THR A 395 -32.33 -25.13 -7.61
C THR A 395 -32.64 -26.07 -6.45
N SER A 396 -33.55 -25.61 -5.59
CA SER A 396 -34.00 -26.46 -4.48
C SER A 396 -34.70 -27.71 -4.99
N ASP A 397 -35.34 -27.64 -6.15
CA ASP A 397 -36.01 -28.79 -6.74
C ASP A 397 -35.04 -29.83 -7.27
N GLY A 398 -33.75 -29.52 -7.36
CA GLY A 398 -32.76 -30.40 -7.95
C GLY A 398 -32.39 -30.06 -9.38
N LEU A 399 -33.16 -29.24 -10.05
CA LEU A 399 -32.80 -28.79 -11.39
C LEU A 399 -31.54 -27.94 -11.34
N HIS A 400 -30.80 -27.97 -12.44
CA HIS A 400 -29.51 -27.29 -12.55
C HIS A 400 -29.49 -26.42 -13.80
N ALA A 401 -28.89 -25.23 -13.66
CA ALA A 401 -28.79 -24.27 -14.75
C ALA A 401 -27.34 -23.81 -14.88
N GLU A 402 -26.82 -23.82 -16.11
CA GLU A 402 -25.47 -23.36 -16.41
C GLU A 402 -25.56 -21.96 -17.00
N VAL A 403 -25.19 -20.96 -16.21
CA VAL A 403 -25.17 -19.58 -16.67
C VAL A 403 -23.88 -19.33 -17.44
N THR A 404 -24.01 -18.73 -18.61
CA THR A 404 -22.88 -18.42 -19.48
C THR A 404 -22.74 -16.91 -19.63
N GLY A 405 -21.57 -16.49 -20.11
CA GLY A 405 -21.23 -15.09 -20.22
C GLY A 405 -20.42 -14.62 -19.04
N VAL A 406 -19.53 -13.64 -19.26
CA VAL A 406 -18.62 -13.14 -18.24
C VAL A 406 -18.81 -11.63 -18.13
N GLY A 407 -18.48 -11.09 -16.96
CA GLY A 407 -18.56 -9.68 -16.71
C GLY A 407 -19.93 -9.23 -16.26
N TYR A 408 -20.00 -7.95 -15.88
CA TYR A 408 -21.24 -7.34 -15.39
C TYR A 408 -22.03 -6.76 -16.56
N ASN A 409 -22.73 -7.66 -17.26
CA ASN A 409 -23.54 -7.29 -18.41
C ASN A 409 -24.74 -8.22 -18.50
N GLN A 410 -25.74 -7.79 -19.26
CA GLN A 410 -26.95 -8.57 -19.48
C GLN A 410 -26.80 -9.59 -20.61
N PHE A 411 -25.63 -9.65 -21.25
CA PHE A 411 -25.43 -10.48 -22.43
C PHE A 411 -24.89 -11.83 -21.98
N GLY A 412 -25.80 -12.80 -21.86
CA GLY A 412 -25.49 -14.13 -21.38
C GLY A 412 -26.79 -14.84 -21.08
N GLU A 413 -26.88 -16.12 -21.45
CA GLU A 413 -28.14 -16.86 -21.44
C GLU A 413 -28.05 -18.04 -20.47
N VAL A 414 -29.04 -18.16 -19.61
CA VAL A 414 -29.11 -19.27 -18.67
C VAL A 414 -29.62 -20.51 -19.40
N ILE A 415 -28.89 -21.62 -19.29
CA ILE A 415 -29.18 -22.86 -19.99
C ILE A 415 -29.66 -23.87 -18.96
N VAL A 416 -30.84 -24.44 -19.19
CA VAL A 416 -31.47 -25.39 -18.28
C VAL A 416 -31.80 -26.64 -19.09
N ASP A 417 -30.98 -27.69 -18.93
CA ASP A 417 -31.08 -28.90 -19.75
C ASP A 417 -31.06 -28.57 -21.24
N GLY A 418 -30.19 -27.64 -21.62
CA GLY A 418 -30.05 -27.26 -23.01
C GLY A 418 -31.20 -26.42 -23.55
N ASP A 419 -32.00 -25.81 -22.67
CA ASP A 419 -33.19 -25.00 -23.06
C ASP A 419 -33.09 -23.61 -22.42
N VAL A 420 -33.06 -22.54 -23.22
CA VAL A 420 -32.85 -21.20 -22.70
C VAL A 420 -34.07 -20.73 -21.92
N VAL A 421 -33.82 -20.10 -20.77
CA VAL A 421 -34.87 -19.70 -19.83
C VAL A 421 -34.88 -18.18 -19.77
N HIS A 422 -36.05 -17.60 -20.05
CA HIS A 422 -36.28 -16.16 -19.92
C HIS A 422 -37.56 -15.93 -19.15
N GLY A 423 -37.61 -14.81 -18.43
CA GLY A 423 -38.81 -14.47 -17.69
C GLY A 423 -39.08 -15.47 -16.57
N PHE A 424 -40.36 -15.84 -16.43
CA PHE A 424 -40.82 -16.78 -15.42
C PHE A 424 -41.14 -18.14 -16.03
N TYR A 425 -40.35 -18.58 -17.02
CA TYR A 425 -40.55 -19.90 -17.62
C TYR A 425 -40.37 -21.00 -16.58
N ASN A 426 -39.25 -20.99 -15.87
CA ASN A 426 -38.93 -21.98 -14.84
C ASN A 426 -39.17 -21.29 -13.51
N PRO A 427 -40.21 -21.63 -12.73
CA PRO A 427 -40.45 -20.91 -11.47
C PRO A 427 -39.28 -20.95 -10.49
N ALA A 428 -38.58 -22.09 -10.37
CA ALA A 428 -37.52 -22.20 -9.39
C ALA A 428 -36.39 -21.23 -9.69
N VAL A 429 -35.86 -21.26 -10.92
CA VAL A 429 -34.76 -20.39 -11.28
C VAL A 429 -35.21 -18.92 -11.26
N SER A 430 -36.45 -18.67 -11.64
CA SER A 430 -36.96 -17.29 -11.62
C SER A 430 -37.01 -16.75 -10.19
N ARG A 431 -37.48 -17.54 -9.23
CA ARG A 431 -37.50 -17.08 -7.85
C ARG A 431 -36.09 -16.95 -7.28
N ILE A 432 -35.18 -17.85 -7.67
CA ILE A 432 -33.78 -17.72 -7.26
C ILE A 432 -33.22 -16.38 -7.74
N VAL A 433 -33.39 -16.07 -9.02
CA VAL A 433 -32.89 -14.83 -9.59
C VAL A 433 -33.60 -13.60 -9.04
N GLU A 434 -34.90 -13.68 -8.77
CA GLU A 434 -35.63 -12.57 -8.19
C GLU A 434 -35.14 -12.26 -6.77
N ALA A 435 -34.95 -13.29 -5.95
CA ALA A 435 -34.38 -13.07 -4.62
C ALA A 435 -32.96 -12.55 -4.72
N GLY A 436 -32.23 -12.96 -5.76
CA GLY A 436 -30.91 -12.42 -5.99
C GLY A 436 -30.94 -10.93 -6.32
N CYS A 437 -31.87 -10.54 -7.20
CA CYS A 437 -31.90 -9.14 -7.65
C CYS A 437 -32.44 -8.21 -6.58
N VAL A 438 -33.53 -8.61 -5.90
CA VAL A 438 -34.23 -7.68 -5.01
C VAL A 438 -33.38 -7.34 -3.79
N CYS A 439 -32.58 -8.29 -3.31
CA CYS A 439 -31.93 -8.16 -2.02
C CYS A 439 -30.64 -7.34 -2.04
N ASN A 440 -30.18 -6.91 -3.22
CA ASN A 440 -28.88 -6.25 -3.32
C ASN A 440 -29.02 -4.73 -3.21
N ASP A 441 -27.87 -4.09 -3.05
CA ASP A 441 -27.73 -2.64 -3.09
C ASP A 441 -26.70 -2.24 -4.16
N ALA A 442 -26.58 -3.05 -5.21
CA ALA A 442 -25.63 -2.83 -6.29
C ALA A 442 -26.39 -2.56 -7.58
N VAL A 443 -25.82 -1.70 -8.42
CA VAL A 443 -26.42 -1.25 -9.66
C VAL A 443 -25.38 -1.31 -10.76
N ILE A 444 -25.80 -1.72 -11.96
CA ILE A 444 -24.93 -1.76 -13.14
C ILE A 444 -25.41 -0.62 -14.05
N ARG A 445 -24.79 0.54 -13.89
CA ARG A 445 -25.11 1.72 -14.68
C ARG A 445 -24.09 1.87 -15.80
N ASN A 446 -24.54 1.67 -17.03
CA ASN A 446 -23.71 1.85 -18.22
C ASN A 446 -22.49 0.95 -18.19
N ASN A 447 -22.73 -0.32 -17.85
CA ASN A 447 -21.68 -1.35 -17.82
C ASN A 447 -20.55 -0.97 -16.86
N THR A 448 -20.92 -0.42 -15.71
CA THR A 448 -19.97 -0.15 -14.62
C THR A 448 -20.64 -0.53 -13.31
N LEU A 449 -20.04 -1.49 -12.61
CA LEU A 449 -20.56 -1.87 -11.29
C LEU A 449 -20.31 -0.75 -10.30
N MET A 450 -21.20 -0.64 -9.32
CA MET A 450 -21.09 0.31 -8.22
C MET A 450 -20.99 -0.38 -6.87
N GLY A 451 -21.86 -1.36 -6.60
CA GLY A 451 -21.86 -2.06 -5.34
C GLY A 451 -20.82 -3.15 -5.25
N LYS A 452 -21.10 -4.14 -4.40
CA LYS A 452 -20.14 -5.20 -4.17
C LYS A 452 -20.02 -6.10 -5.41
N PRO A 453 -18.88 -6.75 -5.62
CA PRO A 453 -18.76 -7.65 -6.78
C PRO A 453 -19.74 -8.82 -6.78
N THR A 454 -20.03 -9.42 -5.62
CA THR A 454 -20.99 -10.52 -5.60
C THR A 454 -22.41 -10.01 -5.89
N GLU A 455 -22.77 -8.87 -5.31
CA GLU A 455 -24.04 -8.24 -5.66
C GLU A 455 -24.08 -7.86 -7.13
N GLY A 456 -22.94 -7.38 -7.65
CA GLY A 456 -22.88 -7.09 -9.08
C GLY A 456 -23.10 -8.32 -9.94
N ALA A 457 -22.54 -9.45 -9.52
CA ALA A 457 -22.76 -10.70 -10.25
C ALA A 457 -24.23 -11.10 -10.22
N LEU A 458 -24.88 -10.94 -9.06
CA LEU A 458 -26.31 -11.24 -8.97
C LEU A 458 -27.13 -10.33 -9.87
N ILE A 459 -26.80 -9.04 -9.90
CA ILE A 459 -27.51 -8.10 -10.78
C ILE A 459 -27.29 -8.48 -12.23
N ALA A 460 -26.05 -8.85 -12.60
CA ALA A 460 -25.78 -9.25 -13.96
C ALA A 460 -26.56 -10.50 -14.33
N LEU A 461 -26.71 -11.43 -13.39
CA LEU A 461 -27.54 -12.62 -13.62
C LEU A 461 -28.98 -12.21 -13.89
N ALA A 462 -29.51 -11.29 -13.08
CA ALA A 462 -30.90 -10.85 -13.25
C ALA A 462 -31.10 -10.18 -14.60
N MET A 463 -30.16 -9.33 -15.01
CA MET A 463 -30.26 -8.70 -16.32
C MET A 463 -30.12 -9.74 -17.44
N LYS A 464 -29.29 -10.76 -17.22
CA LYS A 464 -29.15 -11.82 -18.21
C LYS A 464 -30.45 -12.58 -18.41
N MET A 465 -31.15 -12.90 -17.32
CA MET A 465 -32.40 -13.63 -17.43
C MET A 465 -33.59 -12.71 -17.70
N GLY A 466 -33.40 -11.39 -17.70
CA GLY A 466 -34.46 -10.46 -18.00
C GLY A 466 -35.34 -10.07 -16.83
N LEU A 467 -34.90 -10.33 -15.60
CA LEU A 467 -35.66 -10.03 -14.39
C LEU A 467 -35.09 -8.86 -13.60
N ASP A 468 -34.29 -8.01 -14.24
CA ASP A 468 -33.72 -6.87 -13.51
C ASP A 468 -34.81 -5.92 -13.02
N GLY A 469 -35.82 -5.69 -13.86
CA GLY A 469 -36.85 -4.70 -13.57
C GLY A 469 -37.59 -4.92 -12.27
N LEU A 470 -37.64 -6.16 -11.77
CA LEU A 470 -38.33 -6.42 -10.51
C LEU A 470 -37.71 -5.65 -9.35
N GLN A 471 -36.45 -5.22 -9.47
CA GLN A 471 -35.85 -4.41 -8.41
C GLN A 471 -36.64 -3.14 -8.18
N GLN A 472 -37.26 -2.60 -9.23
CA GLN A 472 -38.08 -1.40 -9.08
C GLN A 472 -39.50 -1.71 -8.62
N ASP A 473 -39.89 -2.99 -8.57
CA ASP A 473 -41.27 -3.36 -8.28
C ASP A 473 -41.54 -3.60 -6.80
N TYR A 474 -40.55 -3.42 -5.92
CA TYR A 474 -40.68 -3.72 -4.51
C TYR A 474 -40.27 -2.52 -3.66
N ILE A 475 -40.98 -2.33 -2.56
CA ILE A 475 -40.75 -1.22 -1.63
C ILE A 475 -40.06 -1.79 -0.41
N ARG A 476 -38.78 -1.43 -0.20
CA ARG A 476 -37.98 -1.99 0.88
C ARG A 476 -38.23 -1.17 2.14
N LYS A 477 -39.28 -1.51 2.88
CA LYS A 477 -39.61 -0.79 4.10
C LYS A 477 -38.66 -1.16 5.25
N ALA A 478 -38.25 -2.42 5.33
CA ALA A 478 -37.37 -2.91 6.38
C ALA A 478 -36.22 -3.68 5.75
N GLU A 479 -35.03 -3.48 6.32
CA GLU A 479 -33.80 -4.02 5.74
C GLU A 479 -32.89 -4.51 6.86
N TYR A 480 -32.58 -5.80 6.86
CA TYR A 480 -31.56 -6.39 7.70
C TYR A 480 -30.27 -6.41 6.88
N PRO A 481 -29.37 -5.43 7.02
CA PRO A 481 -28.27 -5.32 6.06
C PRO A 481 -27.17 -6.34 6.32
N PHE A 482 -26.30 -6.48 5.32
CA PHE A 482 -25.19 -7.41 5.42
C PHE A 482 -24.17 -6.94 6.45
N SER A 483 -23.69 -7.89 7.26
CA SER A 483 -22.51 -7.70 8.08
C SER A 483 -21.70 -8.99 8.03
N SER A 484 -20.38 -8.84 8.12
CA SER A 484 -19.52 -10.01 8.05
C SER A 484 -19.77 -10.96 9.21
N GLU A 485 -20.15 -10.42 10.37
CA GLU A 485 -20.52 -11.27 11.50
C GLU A 485 -21.78 -12.06 11.19
N GLN A 486 -22.78 -11.40 10.58
CA GLN A 486 -24.05 -12.07 10.30
C GLN A 486 -23.87 -13.14 9.22
N LYS A 487 -23.14 -12.83 8.16
CA LYS A 487 -22.93 -13.65 6.97
C LYS A 487 -24.20 -13.76 6.13
N TRP A 488 -25.21 -12.93 6.36
CA TRP A 488 -26.43 -12.94 5.56
C TRP A 488 -27.02 -11.53 5.55
N MET A 489 -27.92 -11.30 4.59
CA MET A 489 -28.68 -10.06 4.53
C MET A 489 -30.07 -10.37 3.99
N ALA A 490 -31.07 -9.66 4.53
CA ALA A 490 -32.46 -9.88 4.15
C ALA A 490 -33.16 -8.53 4.03
N VAL A 491 -34.22 -8.50 3.21
CA VAL A 491 -35.03 -7.31 3.03
C VAL A 491 -36.50 -7.71 2.98
N LYS A 492 -37.34 -6.98 3.72
CA LYS A 492 -38.79 -7.11 3.63
C LYS A 492 -39.31 -6.19 2.54
N CYS A 493 -40.36 -6.62 1.85
CA CYS A 493 -40.86 -5.89 0.70
C CYS A 493 -42.35 -6.16 0.51
N VAL A 494 -43.00 -5.25 -0.20
CA VAL A 494 -44.38 -5.38 -0.64
C VAL A 494 -44.43 -4.99 -2.11
N HIS A 495 -45.14 -5.78 -2.91
CA HIS A 495 -45.23 -5.50 -4.34
C HIS A 495 -45.96 -4.19 -4.58
N ARG A 496 -45.43 -3.39 -5.50
CA ARG A 496 -46.03 -2.09 -5.79
C ARG A 496 -47.40 -2.25 -6.42
N THR A 497 -47.52 -3.11 -7.43
CA THR A 497 -48.79 -3.27 -8.13
C THR A 497 -49.85 -3.90 -7.23
N GLN A 498 -49.47 -4.90 -6.44
CA GLN A 498 -50.38 -5.64 -5.56
C GLN A 498 -49.90 -5.46 -4.12
N GLN A 499 -50.39 -4.39 -3.47
CA GLN A 499 -50.08 -4.16 -2.07
C GLN A 499 -50.80 -5.14 -1.15
N ASP A 500 -51.82 -5.85 -1.65
CA ASP A 500 -52.60 -6.73 -0.79
C ASP A 500 -51.78 -7.91 -0.29
N ARG A 501 -50.76 -8.32 -1.04
CA ARG A 501 -49.97 -9.47 -0.63
C ARG A 501 -49.18 -9.15 0.64
N PRO A 502 -48.78 -10.19 1.41
CA PRO A 502 -48.07 -9.91 2.67
C PRO A 502 -46.66 -9.42 2.44
N GLU A 503 -45.97 -9.03 3.52
CA GLU A 503 -44.61 -8.53 3.40
C GLU A 503 -43.64 -9.68 3.12
N ILE A 504 -43.35 -9.92 1.84
CA ILE A 504 -42.43 -10.98 1.47
C ILE A 504 -41.01 -10.55 1.82
N CYS A 505 -40.29 -11.40 2.54
CA CYS A 505 -38.91 -11.16 2.94
C CYS A 505 -38.02 -12.02 2.05
N PHE A 506 -37.16 -11.38 1.28
CA PHE A 506 -36.10 -12.05 0.56
C PHE A 506 -34.84 -12.08 1.42
N MET A 507 -33.99 -13.06 1.16
CA MET A 507 -32.84 -13.34 2.01
C MET A 507 -31.76 -14.00 1.20
N LYS A 508 -30.50 -13.66 1.51
CA LYS A 508 -29.37 -14.34 0.90
C LYS A 508 -28.22 -14.37 1.89
N GLY A 509 -27.29 -15.29 1.66
CA GLY A 509 -26.12 -15.33 2.52
C GLY A 509 -25.31 -16.61 2.31
N ALA A 510 -24.54 -16.96 3.32
CA ALA A 510 -23.84 -18.23 3.34
C ALA A 510 -24.84 -19.36 3.57
N TYR A 511 -24.45 -20.57 3.16
CA TYR A 511 -25.37 -21.71 3.22
C TYR A 511 -25.83 -21.98 4.65
N GLU A 512 -24.89 -22.05 5.60
CA GLU A 512 -25.26 -22.50 6.94
C GLU A 512 -26.17 -21.48 7.61
N GLN A 513 -25.80 -20.21 7.57
CA GLN A 513 -26.60 -19.18 8.20
C GLN A 513 -27.95 -19.02 7.50
N VAL A 514 -27.98 -19.16 6.17
CA VAL A 514 -29.26 -19.06 5.46
C VAL A 514 -30.17 -20.22 5.83
N ILE A 515 -29.66 -21.45 5.76
CA ILE A 515 -30.50 -22.62 5.97
C ILE A 515 -30.90 -22.75 7.43
N LYS A 516 -30.18 -22.11 8.36
CA LYS A 516 -30.65 -22.10 9.74
C LYS A 516 -31.99 -21.39 9.87
N TYR A 517 -32.19 -20.31 9.13
CA TYR A 517 -33.45 -19.58 9.18
C TYR A 517 -34.56 -20.28 8.39
N CYS A 518 -34.20 -20.92 7.28
CA CYS A 518 -35.20 -21.59 6.45
C CYS A 518 -35.81 -22.76 7.19
N THR A 519 -37.15 -22.86 7.16
CA THR A 519 -37.89 -23.99 7.69
C THR A 519 -38.67 -24.73 6.61
N THR A 520 -38.58 -24.31 5.34
CA THR A 520 -39.31 -24.91 4.25
C THR A 520 -38.44 -24.85 2.99
N TYR A 521 -38.91 -25.48 1.92
CA TYR A 521 -38.22 -25.46 0.64
C TYR A 521 -39.22 -25.65 -0.47
N GLN A 522 -38.75 -25.49 -1.70
CA GLN A 522 -39.57 -25.54 -2.90
C GLN A 522 -39.42 -26.91 -3.55
N SER A 523 -40.54 -27.42 -4.08
CA SER A 523 -40.55 -28.68 -4.83
C SER A 523 -41.66 -28.58 -5.86
N LYS A 524 -41.28 -28.42 -7.13
CA LYS A 524 -42.23 -28.32 -8.24
C LYS A 524 -43.25 -27.21 -8.01
N GLY A 525 -42.79 -26.11 -7.43
CA GLY A 525 -43.65 -24.99 -7.15
C GLY A 525 -44.51 -25.13 -5.91
N GLN A 526 -44.23 -26.10 -5.05
CA GLN A 526 -44.98 -26.32 -3.82
C GLN A 526 -44.05 -26.16 -2.63
N THR A 527 -44.54 -25.49 -1.59
CA THR A 527 -43.77 -25.32 -0.36
C THR A 527 -43.93 -26.56 0.51
N LEU A 528 -42.80 -27.19 0.87
CA LEU A 528 -42.79 -28.39 1.68
C LEU A 528 -41.80 -28.23 2.82
N THR A 529 -42.09 -28.87 3.95
CA THR A 529 -41.22 -28.78 5.11
C THR A 529 -39.84 -29.35 4.80
N LEU A 530 -38.81 -28.61 5.19
CA LEU A 530 -37.44 -29.02 4.91
C LEU A 530 -37.09 -30.27 5.70
N THR A 531 -36.35 -31.18 5.05
CA THR A 531 -35.96 -32.46 5.61
C THR A 531 -34.44 -32.58 5.62
N GLN A 532 -33.93 -33.56 6.37
CA GLN A 532 -32.49 -33.72 6.49
C GLN A 532 -31.86 -34.24 5.21
N GLN A 533 -32.59 -35.03 4.42
CA GLN A 533 -32.05 -35.48 3.15
C GLN A 533 -31.85 -34.31 2.19
N GLN A 534 -32.81 -33.37 2.17
CA GLN A 534 -32.65 -32.17 1.36
C GLN A 534 -31.43 -31.37 1.81
N ARG A 535 -31.26 -31.21 3.12
CA ARG A 535 -30.09 -30.50 3.63
C ARG A 535 -28.80 -31.21 3.24
N ASP A 536 -28.79 -32.54 3.28
CA ASP A 536 -27.60 -33.29 2.94
C ASP A 536 -27.22 -33.10 1.48
N VAL A 537 -28.21 -33.19 0.58
CA VAL A 537 -27.88 -33.04 -0.84
C VAL A 537 -27.48 -31.60 -1.15
N TYR A 538 -28.12 -30.61 -0.51
CA TYR A 538 -27.71 -29.22 -0.75
C TYR A 538 -26.31 -28.98 -0.22
N GLN A 539 -25.96 -29.58 0.92
CA GLN A 539 -24.61 -29.47 1.46
C GLN A 539 -23.60 -30.11 0.53
N GLN A 540 -23.94 -31.27 -0.05
CA GLN A 540 -23.05 -31.92 -1.00
C GLN A 540 -22.81 -31.04 -2.22
N GLU A 541 -23.88 -30.42 -2.74
CA GLU A 541 -23.72 -29.54 -3.89
C GLU A 541 -22.87 -28.31 -3.52
N LYS A 542 -23.08 -27.75 -2.33
CA LYS A 542 -22.27 -26.63 -1.88
C LYS A 542 -20.79 -27.02 -1.81
N ALA A 543 -20.51 -28.19 -1.24
CA ALA A 543 -19.13 -28.63 -1.09
C ALA A 543 -18.47 -28.85 -2.45
N ARG A 544 -19.20 -29.45 -3.39
CA ARG A 544 -18.62 -29.68 -4.71
C ARG A 544 -18.45 -28.37 -5.48
N MET A 545 -19.40 -27.45 -5.34
CA MET A 545 -19.25 -26.14 -5.98
C MET A 545 -18.01 -25.43 -5.47
N GLY A 546 -17.81 -25.43 -4.15
CA GLY A 546 -16.62 -24.82 -3.60
C GLY A 546 -15.35 -25.54 -3.98
N SER A 547 -15.40 -26.87 -4.12
CA SER A 547 -14.26 -27.62 -4.60
C SER A 547 -13.93 -27.25 -6.04
N ALA A 548 -14.93 -26.85 -6.82
CA ALA A 548 -14.69 -26.33 -8.16
C ALA A 548 -14.18 -24.89 -8.16
N GLY A 549 -14.09 -24.24 -6.99
CA GLY A 549 -13.66 -22.87 -6.90
C GLY A 549 -14.78 -21.84 -6.96
N LEU A 550 -16.02 -22.27 -7.17
CA LEU A 550 -17.13 -21.34 -7.26
C LEU A 550 -17.55 -20.89 -5.86
N ARG A 551 -17.56 -19.57 -5.64
CA ARG A 551 -18.08 -19.02 -4.40
C ARG A 551 -19.60 -19.22 -4.35
N VAL A 552 -20.09 -19.75 -3.24
CA VAL A 552 -21.46 -20.24 -3.13
C VAL A 552 -22.27 -19.31 -2.24
N LEU A 553 -23.49 -19.00 -2.66
CA LEU A 553 -24.46 -18.25 -1.88
C LEU A 553 -25.79 -18.99 -1.88
N ALA A 554 -26.49 -18.92 -0.76
CA ALA A 554 -27.79 -19.53 -0.57
C ALA A 554 -28.85 -18.44 -0.54
N LEU A 555 -29.96 -18.68 -1.24
CA LEU A 555 -31.04 -17.71 -1.41
C LEU A 555 -32.35 -18.28 -0.91
N ALA A 556 -33.18 -17.40 -0.32
CA ALA A 556 -34.44 -17.84 0.26
C ALA A 556 -35.44 -16.69 0.21
N SER A 557 -36.72 -17.05 0.34
CA SER A 557 -37.80 -16.07 0.37
C SER A 557 -38.99 -16.64 1.11
N GLY A 558 -39.66 -15.79 1.87
CA GLY A 558 -40.85 -16.19 2.59
C GLY A 558 -41.39 -15.09 3.50
N PRO A 559 -42.48 -15.37 4.21
CA PRO A 559 -43.01 -14.37 5.15
C PRO A 559 -42.28 -14.44 6.49
N GLU A 560 -41.78 -13.29 6.95
CA GLU A 560 -41.11 -13.15 8.25
C GLU A 560 -39.80 -13.94 8.29
N LEU A 561 -38.91 -13.56 9.21
CA LEU A 561 -37.65 -14.27 9.39
C LEU A 561 -37.85 -15.50 10.26
N GLY A 562 -37.23 -16.60 9.86
CA GLY A 562 -37.39 -17.88 10.53
C GLY A 562 -38.45 -18.78 9.94
N GLN A 563 -39.14 -18.35 8.89
CA GLN A 563 -40.17 -19.14 8.22
C GLN A 563 -40.00 -19.07 6.71
N LEU A 564 -38.76 -19.04 6.23
CA LEU A 564 -38.48 -18.82 4.84
C LEU A 564 -38.52 -20.13 4.04
N THR A 565 -38.52 -19.99 2.73
CA THR A 565 -38.41 -21.10 1.79
C THR A 565 -37.06 -21.01 1.10
N PHE A 566 -36.32 -22.12 1.12
CA PHE A 566 -35.00 -22.19 0.50
C PHE A 566 -35.15 -22.41 -1.00
N LEU A 567 -34.70 -21.44 -1.80
CA LEU A 567 -34.94 -21.50 -3.24
C LEU A 567 -33.83 -22.24 -3.98
N GLY A 568 -32.56 -22.00 -3.64
CA GLY A 568 -31.49 -22.69 -4.33
C GLY A 568 -30.14 -22.08 -3.99
N LEU A 569 -29.14 -22.48 -4.77
CA LEU A 569 -27.77 -22.03 -4.61
C LEU A 569 -27.27 -21.43 -5.93
N VAL A 570 -26.30 -20.53 -5.83
CA VAL A 570 -25.69 -19.89 -6.98
C VAL A 570 -24.18 -19.99 -6.83
N GLY A 571 -23.50 -20.38 -7.91
CA GLY A 571 -22.06 -20.56 -7.91
C GLY A 571 -21.33 -19.42 -8.60
N ILE A 572 -20.62 -18.61 -7.82
CA ILE A 572 -19.97 -17.41 -8.30
C ILE A 572 -18.49 -17.71 -8.49
N ILE A 573 -18.03 -17.69 -9.74
CA ILE A 573 -16.62 -17.84 -10.05
C ILE A 573 -15.95 -16.48 -9.87
N ASP A 574 -14.86 -16.48 -9.12
CA ASP A 574 -13.98 -15.32 -8.95
C ASP A 574 -12.56 -15.81 -9.23
N PRO A 575 -12.04 -15.69 -10.47
CA PRO A 575 -10.77 -16.34 -10.78
C PRO A 575 -9.63 -15.72 -10.01
N PRO A 576 -8.55 -16.47 -9.76
CA PRO A 576 -7.42 -15.91 -9.03
C PRO A 576 -6.71 -14.83 -9.82
N ARG A 577 -6.13 -13.88 -9.09
CA ARG A 577 -5.46 -12.76 -9.74
C ARG A 577 -4.21 -13.25 -10.47
N THR A 578 -3.99 -12.71 -11.67
CA THR A 578 -2.85 -13.10 -12.47
C THR A 578 -1.54 -12.65 -11.80
N GLY A 579 -0.55 -13.53 -11.86
CA GLY A 579 0.77 -13.24 -11.34
C GLY A 579 0.93 -13.46 -9.85
N VAL A 580 -0.13 -13.82 -9.13
CA VAL A 580 -0.01 -14.01 -7.70
C VAL A 580 0.56 -15.40 -7.38
N LYS A 581 0.41 -16.36 -8.29
CA LYS A 581 1.05 -17.66 -8.13
C LYS A 581 2.57 -17.52 -8.06
N GLU A 582 3.15 -16.80 -9.02
CA GLU A 582 4.60 -16.61 -9.03
C GLU A 582 5.05 -15.81 -7.83
N ALA A 583 4.29 -14.78 -7.45
CA ALA A 583 4.65 -13.98 -6.29
C ALA A 583 4.61 -14.81 -5.01
N VAL A 584 3.59 -15.66 -4.87
CA VAL A 584 3.50 -16.53 -3.69
C VAL A 584 4.67 -17.49 -3.67
N THR A 585 5.02 -18.07 -4.82
CA THR A 585 6.14 -19.00 -4.89
C THR A 585 7.45 -18.31 -4.51
N THR A 586 7.67 -17.10 -5.04
CA THR A 586 8.89 -16.36 -4.71
C THR A 586 8.90 -15.98 -3.23
N LEU A 587 7.73 -15.71 -2.65
CA LEU A 587 7.69 -15.33 -1.25
C LEU A 587 8.02 -16.52 -0.34
N ILE A 588 7.50 -17.71 -0.64
CA ILE A 588 7.87 -18.86 0.18
C ILE A 588 9.33 -19.20 -0.04
N ALA A 589 9.81 -19.10 -1.28
CA ALA A 589 11.21 -19.35 -1.57
C ALA A 589 12.13 -18.36 -0.88
N SER A 590 11.65 -17.14 -0.61
CA SER A 590 12.42 -16.13 0.09
C SER A 590 12.16 -16.14 1.59
N GLY A 591 11.70 -17.26 2.14
CA GLY A 591 11.47 -17.37 3.57
C GLY A 591 10.39 -16.46 4.11
N VAL A 592 9.28 -16.34 3.40
CA VAL A 592 8.13 -15.55 3.83
C VAL A 592 6.89 -16.44 3.77
N SER A 593 6.17 -16.54 4.87
CA SER A 593 4.96 -17.32 4.95
C SER A 593 3.77 -16.50 4.47
N ILE A 594 2.78 -17.19 3.91
CA ILE A 594 1.55 -16.57 3.44
C ILE A 594 0.36 -17.37 3.97
N LYS A 595 -0.66 -16.66 4.46
CA LYS A 595 -1.85 -17.28 5.02
C LYS A 595 -3.09 -16.64 4.39
N MET A 596 -4.02 -17.49 3.98
CA MET A 596 -5.31 -17.07 3.45
C MET A 596 -6.29 -16.99 4.62
N ILE A 597 -6.71 -15.76 4.96
CA ILE A 597 -7.77 -15.54 5.96
C ILE A 597 -9.01 -15.05 5.22
N THR A 598 -10.13 -15.74 5.43
CA THR A 598 -11.36 -15.49 4.68
C THR A 598 -12.56 -15.66 5.58
N GLY A 599 -13.69 -15.13 5.12
CA GLY A 599 -15.00 -15.48 5.65
C GLY A 599 -15.77 -16.45 4.78
N ASP A 600 -15.14 -17.06 3.79
CA ASP A 600 -15.80 -17.93 2.83
C ASP A 600 -15.67 -19.39 3.27
N SER A 601 -16.25 -20.30 2.48
CA SER A 601 -16.28 -21.71 2.83
C SER A 601 -14.89 -22.33 2.74
N GLN A 602 -14.75 -23.48 3.39
CA GLN A 602 -13.48 -24.21 3.34
C GLN A 602 -13.13 -24.62 1.93
N GLU A 603 -14.12 -25.10 1.17
CA GLU A 603 -13.83 -25.69 -0.13
C GLU A 603 -13.34 -24.63 -1.11
N THR A 604 -14.00 -23.46 -1.14
CA THR A 604 -13.58 -22.39 -2.03
C THR A 604 -12.18 -21.91 -1.71
N ALA A 605 -11.94 -21.60 -0.43
CA ALA A 605 -10.63 -21.10 -0.01
C ALA A 605 -9.54 -22.13 -0.27
N VAL A 606 -9.81 -23.40 0.02
CA VAL A 606 -8.80 -24.43 -0.15
C VAL A 606 -8.51 -24.66 -1.63
N ALA A 607 -9.56 -24.66 -2.46
CA ALA A 607 -9.34 -24.86 -3.89
C ALA A 607 -8.53 -23.72 -4.49
N ILE A 608 -8.87 -22.48 -4.14
CA ILE A 608 -8.13 -21.34 -4.68
C ILE A 608 -6.70 -21.34 -4.14
N ALA A 609 -6.52 -21.65 -2.86
CA ALA A 609 -5.18 -21.67 -2.28
C ALA A 609 -4.32 -22.75 -2.92
N SER A 610 -4.91 -23.92 -3.18
CA SER A 610 -4.18 -24.98 -3.87
C SER A 610 -3.81 -24.56 -5.28
N ARG A 611 -4.71 -23.83 -5.95
CA ARG A 611 -4.37 -23.29 -7.27
C ARG A 611 -3.20 -22.32 -7.17
N LEU A 612 -3.19 -21.47 -6.14
CA LEU A 612 -2.13 -20.49 -6.01
C LEU A 612 -0.83 -21.13 -5.54
N GLY A 613 -0.92 -22.07 -4.60
CA GLY A 613 0.21 -22.83 -4.13
C GLY A 613 0.48 -22.72 -2.64
N LEU A 614 -0.16 -21.76 -1.94
CA LEU A 614 0.10 -21.62 -0.51
C LEU A 614 -0.54 -22.73 0.31
N TYR A 615 -1.43 -23.53 -0.27
CA TYR A 615 -2.02 -24.69 0.37
C TYR A 615 -1.57 -25.92 -0.40
N SER A 616 -0.56 -26.61 0.12
CA SER A 616 0.00 -27.79 -0.53
C SER A 616 -0.95 -28.97 -0.36
N LYS A 617 -0.49 -30.14 -0.80
CA LYS A 617 -1.33 -31.34 -0.74
C LYS A 617 -1.63 -31.72 0.71
N THR A 618 -0.65 -31.56 1.60
CA THR A 618 -0.78 -31.87 3.03
C THR A 618 -0.60 -30.57 3.81
N SER A 619 -1.71 -29.86 4.00
CA SER A 619 -1.72 -28.62 4.77
C SER A 619 -2.98 -28.57 5.62
N GLN A 620 -2.92 -27.79 6.69
CA GLN A 620 -4.00 -27.68 7.66
C GLN A 620 -4.82 -26.41 7.42
N SER A 621 -6.12 -26.53 7.61
CA SER A 621 -7.05 -25.41 7.51
C SER A 621 -7.98 -25.41 8.72
N VAL A 622 -8.27 -24.23 9.25
CA VAL A 622 -8.99 -24.07 10.50
C VAL A 622 -10.16 -23.11 10.29
N SER A 623 -11.31 -23.44 10.87
CA SER A 623 -12.49 -22.61 10.77
C SER A 623 -12.46 -21.50 11.81
N GLY A 624 -13.31 -20.49 11.61
CA GLY A 624 -13.40 -19.41 12.57
C GLY A 624 -14.02 -19.85 13.89
N GLU A 625 -15.05 -20.69 13.84
CA GLU A 625 -15.69 -21.17 15.06
C GLU A 625 -14.71 -21.96 15.92
N GLU A 626 -13.81 -22.71 15.28
CA GLU A 626 -12.71 -23.32 16.03
C GLU A 626 -11.91 -22.27 16.77
N ILE A 627 -11.46 -21.23 16.05
CA ILE A 627 -10.61 -20.19 16.64
C ILE A 627 -11.32 -19.53 17.82
N ASP A 628 -12.65 -19.44 17.75
CA ASP A 628 -13.41 -19.06 18.94
C ASP A 628 -13.26 -20.09 20.04
N ALA A 629 -13.34 -21.38 19.70
CA ALA A 629 -13.26 -22.43 20.72
C ALA A 629 -11.89 -22.48 21.38
N MET A 630 -10.82 -22.33 20.60
CA MET A 630 -9.46 -22.49 21.12
C MET A 630 -9.07 -21.33 22.01
N ASP A 631 -8.19 -21.62 22.97
CA ASP A 631 -7.63 -20.61 23.85
C ASP A 631 -6.51 -19.84 23.14
N VAL A 632 -5.99 -18.83 23.83
CA VAL A 632 -4.96 -17.98 23.23
C VAL A 632 -3.67 -18.75 23.03
N GLN A 633 -3.24 -19.51 24.05
CA GLN A 633 -1.97 -20.21 23.97
C GLN A 633 -1.99 -21.30 22.89
N GLN A 634 -3.07 -22.10 22.85
CA GLN A 634 -3.21 -23.10 21.81
C GLN A 634 -3.24 -22.46 20.44
N LEU A 635 -3.93 -21.31 20.33
CA LEU A 635 -3.98 -20.58 19.06
C LEU A 635 -2.59 -20.14 18.63
N SER A 636 -1.78 -19.66 19.57
CA SER A 636 -0.42 -19.26 19.25
C SER A 636 0.40 -20.46 18.78
N GLN A 637 0.20 -21.62 19.41
CA GLN A 637 0.91 -22.82 18.96
C GLN A 637 0.53 -23.20 17.54
N ILE A 638 -0.76 -23.21 17.22
CA ILE A 638 -1.20 -23.86 15.98
C ILE A 638 -1.18 -22.87 14.81
N VAL A 639 -1.25 -21.56 15.07
CA VAL A 639 -1.40 -20.59 13.97
C VAL A 639 -0.31 -20.68 12.90
N PRO A 640 0.98 -20.88 13.22
CA PRO A 640 1.97 -20.93 12.12
C PRO A 640 1.79 -22.13 11.21
N LYS A 641 1.13 -23.19 11.67
CA LYS A 641 0.96 -24.39 10.86
C LYS A 641 -0.17 -24.25 9.84
N VAL A 642 -1.23 -23.51 10.19
CA VAL A 642 -2.42 -23.44 9.35
C VAL A 642 -2.12 -22.57 8.14
N ALA A 643 -2.48 -23.07 6.96
CA ALA A 643 -2.23 -22.35 5.71
C ALA A 643 -3.43 -21.53 5.26
N VAL A 644 -4.64 -22.01 5.51
CA VAL A 644 -5.88 -21.39 5.01
C VAL A 644 -6.89 -21.37 6.14
N PHE A 645 -7.22 -20.16 6.61
CA PHE A 645 -8.34 -19.98 7.53
C PHE A 645 -9.59 -19.66 6.72
N TYR A 646 -10.72 -20.25 7.13
CA TYR A 646 -11.99 -20.09 6.43
C TYR A 646 -13.09 -19.78 7.43
N ARG A 647 -14.12 -19.08 6.94
CA ARG A 647 -15.25 -18.64 7.76
C ARG A 647 -14.77 -17.86 8.97
N ALA A 648 -13.76 -17.01 8.76
CA ALA A 648 -13.19 -16.18 9.80
C ALA A 648 -13.75 -14.77 9.65
N SER A 649 -14.56 -14.35 10.63
CA SER A 649 -15.11 -13.01 10.63
C SER A 649 -14.00 -12.01 10.89
N PRO A 650 -14.28 -10.70 10.79
CA PRO A 650 -13.25 -9.71 11.13
C PRO A 650 -12.71 -9.85 12.54
N ARG A 651 -13.54 -10.27 13.49
CA ARG A 651 -13.04 -10.55 14.83
C ARG A 651 -12.04 -11.69 14.81
N HIS A 652 -12.34 -12.76 14.06
CA HIS A 652 -11.41 -13.88 13.98
C HIS A 652 -10.16 -13.51 13.21
N LYS A 653 -10.29 -12.67 12.17
CA LYS A 653 -9.10 -12.18 11.47
C LYS A 653 -8.21 -11.38 12.41
N MET A 654 -8.81 -10.52 13.25
CA MET A 654 -8.02 -9.79 14.23
C MET A 654 -7.39 -10.72 15.25
N LYS A 655 -8.11 -11.77 15.64
CA LYS A 655 -7.54 -12.76 16.56
C LYS A 655 -6.31 -13.42 15.97
N ILE A 656 -6.39 -13.83 14.71
CA ILE A 656 -5.25 -14.46 14.05
C ILE A 656 -4.09 -13.48 13.93
N ILE A 657 -4.40 -12.22 13.60
CA ILE A 657 -3.36 -11.20 13.48
C ILE A 657 -2.64 -11.02 14.81
N LYS A 658 -3.41 -10.89 15.90
CA LYS A 658 -2.81 -10.71 17.22
C LYS A 658 -2.03 -11.94 17.65
N SER A 659 -2.48 -13.14 17.29
CA SER A 659 -1.73 -14.34 17.65
C SER A 659 -0.38 -14.38 16.93
N LEU A 660 -0.39 -14.10 15.63
CA LEU A 660 0.87 -14.08 14.89
C LEU A 660 1.81 -13.00 15.41
N GLN A 661 1.25 -11.86 15.83
CA GLN A 661 2.08 -10.84 16.46
C GLN A 661 2.61 -11.31 17.81
N LYS A 662 1.81 -12.08 18.56
CA LYS A 662 2.26 -12.62 19.84
C LYS A 662 3.39 -13.62 19.64
N ASN A 663 3.45 -14.27 18.47
CA ASN A 663 4.57 -15.16 18.15
C ASN A 663 5.84 -14.41 17.72
N GLY A 664 5.92 -13.09 17.93
CA GLY A 664 7.09 -12.34 17.53
C GLY A 664 7.18 -12.04 16.06
N SER A 665 6.14 -12.32 15.28
CA SER A 665 6.15 -12.09 13.85
C SER A 665 5.69 -10.68 13.54
N VAL A 666 6.09 -10.19 12.37
CA VAL A 666 5.62 -8.92 11.81
C VAL A 666 4.67 -9.26 10.68
N VAL A 667 3.40 -8.89 10.85
CA VAL A 667 2.32 -9.34 9.99
C VAL A 667 2.00 -8.24 8.99
N ALA A 668 1.86 -8.61 7.72
CA ALA A 668 1.50 -7.70 6.64
C ALA A 668 0.19 -8.19 6.04
N MET A 669 -0.93 -7.63 6.51
CA MET A 669 -2.24 -8.02 6.02
C MET A 669 -2.56 -7.26 4.74
N THR A 670 -2.85 -8.00 3.67
CA THR A 670 -3.22 -7.43 2.38
C THR A 670 -4.72 -7.70 2.22
N GLY A 671 -5.55 -6.69 2.52
CA GLY A 671 -6.97 -6.87 2.66
C GLY A 671 -7.77 -6.05 1.66
N ASP A 672 -9.08 -6.28 1.67
CA ASP A 672 -10.03 -5.57 0.82
C ASP A 672 -11.42 -5.74 1.42
N GLY A 673 -12.22 -4.70 1.31
CA GLY A 673 -13.57 -4.68 1.82
C GLY A 673 -13.72 -3.76 3.02
N VAL A 674 -14.97 -3.36 3.26
CA VAL A 674 -15.24 -2.35 4.29
C VAL A 674 -14.94 -2.90 5.68
N ASN A 675 -15.40 -4.11 5.97
CA ASN A 675 -15.30 -4.63 7.34
C ASN A 675 -13.88 -5.03 7.72
N ASP A 676 -12.99 -5.22 6.74
CA ASP A 676 -11.62 -5.64 7.01
C ASP A 676 -10.66 -4.48 7.24
N ALA A 677 -11.15 -3.23 7.27
CA ALA A 677 -10.28 -2.10 7.53
C ALA A 677 -9.74 -2.13 8.97
N VAL A 678 -10.56 -2.58 9.92
CA VAL A 678 -10.10 -2.66 11.31
C VAL A 678 -8.97 -3.66 11.43
N ALA A 679 -9.02 -4.75 10.66
CA ALA A 679 -7.93 -5.72 10.67
C ALA A 679 -6.68 -5.16 9.98
N LEU A 680 -6.86 -4.36 8.93
CA LEU A 680 -5.71 -3.69 8.32
C LEU A 680 -5.03 -2.76 9.31
N LYS A 681 -5.83 -2.01 10.08
CA LYS A 681 -5.25 -1.16 11.12
C LYS A 681 -4.57 -2.00 12.20
N ALA A 682 -5.16 -3.14 12.56
CA ALA A 682 -4.57 -3.99 13.59
C ALA A 682 -3.23 -4.56 13.16
N ALA A 683 -3.10 -4.94 11.89
CA ALA A 683 -1.87 -5.55 11.41
C ALA A 683 -0.72 -4.55 11.48
N ASP A 684 0.50 -5.07 11.60
CA ASP A 684 1.68 -4.22 11.63
C ASP A 684 1.81 -3.43 10.34
N ILE A 685 1.60 -4.09 9.20
CA ILE A 685 1.57 -3.47 7.89
C ILE A 685 0.20 -3.75 7.29
N GLY A 686 -0.48 -2.70 6.84
CA GLY A 686 -1.74 -2.83 6.15
C GLY A 686 -1.61 -2.44 4.69
N VAL A 687 -1.67 -3.42 3.80
CA VAL A 687 -1.52 -3.20 2.36
C VAL A 687 -2.89 -3.10 1.74
N ALA A 688 -2.99 -2.32 0.66
CA ALA A 688 -4.24 -2.17 -0.08
C ALA A 688 -3.93 -2.19 -1.56
N MET A 689 -4.96 -2.50 -2.34
CA MET A 689 -4.85 -2.53 -3.79
C MET A 689 -5.07 -1.14 -4.37
N GLY A 690 -4.40 -0.86 -5.48
CA GLY A 690 -4.46 0.44 -6.10
C GLY A 690 -5.64 0.62 -7.03
N GLN A 691 -5.74 -0.22 -8.04
CA GLN A 691 -6.77 -0.09 -9.07
C GLN A 691 -8.06 -0.82 -8.73
N THR A 692 -8.06 -1.71 -7.73
CA THR A 692 -9.23 -2.48 -7.34
C THR A 692 -9.40 -2.43 -5.83
N GLY A 693 -9.31 -1.23 -5.26
CA GLY A 693 -9.40 -1.04 -3.82
C GLY A 693 -10.43 0.00 -3.44
N THR A 694 -11.31 -0.35 -2.51
CA THR A 694 -12.26 0.61 -1.98
C THR A 694 -11.53 1.70 -1.21
N ASP A 695 -12.12 2.90 -1.18
CA ASP A 695 -11.50 4.01 -0.48
C ASP A 695 -11.38 3.77 1.01
N VAL A 696 -12.24 2.91 1.58
CA VAL A 696 -12.14 2.60 3.01
C VAL A 696 -10.80 1.95 3.31
N CYS A 697 -10.42 0.94 2.52
CA CYS A 697 -9.17 0.25 2.76
C CYS A 697 -7.98 1.15 2.48
N LYS A 698 -8.00 1.87 1.36
CA LYS A 698 -6.88 2.73 1.02
C LYS A 698 -6.69 3.85 2.04
N GLU A 699 -7.78 4.31 2.67
CA GLU A 699 -7.64 5.27 3.76
C GLU A 699 -7.12 4.60 5.03
N ALA A 700 -7.61 3.39 5.32
CA ALA A 700 -7.17 2.67 6.50
C ALA A 700 -5.85 1.94 6.31
N ALA A 701 -5.42 1.74 5.05
CA ALA A 701 -4.20 1.01 4.79
C ALA A 701 -2.98 1.85 5.15
N ASP A 702 -1.83 1.18 5.20
CA ASP A 702 -0.55 1.82 5.45
C ASP A 702 0.36 1.84 4.23
N MET A 703 0.15 0.91 3.29
CA MET A 703 0.84 0.89 2.01
C MET A 703 -0.19 0.60 0.94
N ILE A 704 0.01 1.16 -0.25
CA ILE A 704 -0.86 0.93 -1.39
C ILE A 704 -0.02 0.43 -2.56
N LEU A 705 -0.45 -0.67 -3.16
CA LEU A 705 0.19 -1.22 -4.35
C LEU A 705 -0.46 -0.57 -5.57
N VAL A 706 0.28 0.32 -6.23
CA VAL A 706 -0.30 1.12 -7.31
C VAL A 706 -0.71 0.25 -8.48
N ASP A 707 0.12 -0.73 -8.84
CA ASP A 707 -0.11 -1.57 -10.02
C ASP A 707 -0.78 -2.89 -9.68
N ASP A 708 -1.14 -3.13 -8.41
CA ASP A 708 -1.86 -4.33 -7.98
C ASP A 708 -1.08 -5.60 -8.34
N ASP A 709 0.09 -5.73 -7.72
CA ASP A 709 0.93 -6.92 -7.86
C ASP A 709 1.45 -7.32 -6.50
N PHE A 710 1.47 -8.64 -6.24
CA PHE A 710 2.08 -9.14 -5.02
C PHE A 710 3.60 -9.09 -5.06
N GLN A 711 4.19 -9.03 -6.26
CA GLN A 711 5.64 -8.86 -6.36
C GLN A 711 6.10 -7.55 -5.74
N THR A 712 5.23 -6.54 -5.73
CA THR A 712 5.57 -5.27 -5.11
C THR A 712 5.84 -5.45 -3.61
N ILE A 713 5.16 -6.39 -2.97
CA ILE A 713 5.38 -6.60 -1.53
C ILE A 713 6.76 -7.19 -1.29
N MET A 714 7.15 -8.17 -2.11
CA MET A 714 8.49 -8.73 -2.00
C MET A 714 9.54 -7.67 -2.28
N SER A 715 9.31 -6.83 -3.29
CA SER A 715 10.25 -5.76 -3.60
C SER A 715 10.38 -4.80 -2.42
N ALA A 716 9.25 -4.39 -1.83
CA ALA A 716 9.29 -3.46 -0.71
C ALA A 716 10.01 -4.08 0.49
N ILE A 717 9.76 -5.36 0.75
CA ILE A 717 10.46 -6.05 1.84
C ILE A 717 11.96 -6.05 1.57
N GLU A 718 12.35 -6.25 0.30
CA GLU A 718 13.77 -6.22 -0.05
C GLU A 718 14.36 -4.84 0.20
N GLU A 719 13.66 -3.78 -0.20
CA GLU A 719 14.20 -2.44 0.02
C GLU A 719 14.27 -2.09 1.51
N GLY A 720 13.38 -2.66 2.32
CA GLY A 720 13.35 -2.31 3.73
C GLY A 720 14.41 -2.99 4.57
N LYS A 721 15.18 -3.91 3.99
CA LYS A 721 16.11 -4.72 4.78
C LYS A 721 17.35 -3.93 5.17
N GLY A 722 17.93 -3.21 4.21
CA GLY A 722 19.28 -2.67 4.35
C GLY A 722 19.43 -1.36 5.09
N ILE A 723 18.35 -0.77 5.59
CA ILE A 723 18.47 0.47 6.36
C ILE A 723 19.24 0.21 7.64
N TYR A 724 19.00 -0.95 8.27
CA TYR A 724 19.67 -1.34 9.49
C TYR A 724 21.19 -1.36 9.31
N ASN A 725 21.66 -1.98 8.22
CA ASN A 725 23.10 -2.10 8.00
C ASN A 725 23.74 -0.75 7.74
N ASN A 726 23.08 0.11 6.95
CA ASN A 726 23.65 1.44 6.67
C ASN A 726 23.75 2.27 7.95
N ILE A 727 22.72 2.22 8.78
CA ILE A 727 22.77 2.98 10.02
C ILE A 727 23.85 2.40 10.94
N LYS A 728 24.03 1.08 10.92
CA LYS A 728 25.12 0.48 11.68
C LYS A 728 26.48 0.96 11.18
N ASN A 729 26.63 1.10 9.86
CA ASN A 729 27.88 1.59 9.30
C ASN A 729 28.18 3.00 9.81
N PHE A 730 27.18 3.88 9.77
CA PHE A 730 27.38 5.23 10.30
C PHE A 730 27.73 5.18 11.78
N VAL A 731 27.02 4.35 12.55
CA VAL A 731 27.25 4.31 13.98
C VAL A 731 28.66 3.86 14.28
N ARG A 732 29.14 2.81 13.61
CA ARG A 732 30.48 2.31 13.87
C ARG A 732 31.53 3.35 13.49
N PHE A 733 31.38 3.99 12.32
CA PHE A 733 32.37 4.98 11.91
C PHE A 733 32.44 6.15 12.89
N GLN A 734 31.28 6.76 13.17
CA GLN A 734 31.26 7.93 14.02
C GLN A 734 31.73 7.60 15.43
N LEU A 735 31.24 6.50 16.00
CA LEU A 735 31.60 6.16 17.37
C LEU A 735 33.08 5.80 17.47
N SER A 736 33.62 5.09 16.47
CA SER A 736 35.02 4.72 16.52
C SER A 736 35.92 5.95 16.49
N THR A 737 35.67 6.87 15.54
CA THR A 737 36.58 8.02 15.47
C THR A 737 36.35 8.99 16.63
N SER A 738 35.13 9.09 17.15
CA SER A 738 34.91 9.93 18.33
C SER A 738 35.62 9.36 19.55
N ILE A 739 35.57 8.03 19.74
CA ILE A 739 36.29 7.41 20.84
C ILE A 739 37.79 7.61 20.66
N ALA A 740 38.26 7.54 19.41
CA ALA A 740 39.67 7.78 19.13
C ALA A 740 40.09 9.17 19.58
N ALA A 741 39.34 10.19 19.17
CA ALA A 741 39.68 11.56 19.54
C ALA A 741 39.60 11.76 21.06
N LEU A 742 38.55 11.21 21.68
CA LEU A 742 38.40 11.34 23.13
C LEU A 742 39.56 10.70 23.87
N THR A 743 39.96 9.50 23.45
CA THR A 743 41.08 8.82 24.10
C THR A 743 42.39 9.56 23.88
N LEU A 744 42.59 10.11 22.68
CA LEU A 744 43.82 10.87 22.42
C LEU A 744 43.92 12.08 23.34
N ILE A 745 42.83 12.85 23.43
CA ILE A 745 42.88 14.03 24.30
C ILE A 745 42.97 13.62 25.75
N SER A 746 42.33 12.52 26.14
CA SER A 746 42.41 12.05 27.52
C SER A 746 43.83 11.67 27.89
N LEU A 747 44.52 10.93 27.02
CA LEU A 747 45.90 10.56 27.29
C LEU A 747 46.80 11.79 27.29
N ALA A 748 46.55 12.75 26.40
CA ALA A 748 47.35 13.96 26.38
C ALA A 748 47.21 14.75 27.68
N THR A 749 45.97 14.84 28.19
CA THR A 749 45.74 15.60 29.43
C THR A 749 46.29 14.86 30.65
N LEU A 750 46.03 13.55 30.73
CA LEU A 750 46.42 12.80 31.93
C LEU A 750 47.93 12.72 32.07
N MET A 751 48.64 12.43 30.98
CA MET A 751 50.09 12.34 30.98
C MET A 751 50.78 13.67 30.70
N ASN A 752 50.02 14.77 30.65
CA ASN A 752 50.55 16.14 30.56
C ASN A 752 51.32 16.39 29.26
N PHE A 753 51.18 15.53 28.24
CA PHE A 753 51.70 15.86 26.94
C PHE A 753 50.90 17.03 26.35
N PRO A 754 51.47 17.77 25.40
CA PRO A 754 50.66 18.75 24.67
C PRO A 754 49.54 18.04 23.91
N ASN A 755 48.41 18.72 23.78
CA ASN A 755 47.26 18.14 23.10
C ASN A 755 47.61 17.89 21.64
N PRO A 756 47.49 16.66 21.11
CA PRO A 756 47.83 16.45 19.70
C PRO A 756 46.95 17.21 18.73
N LEU A 757 45.75 17.61 19.15
CA LEU A 757 44.81 18.35 18.32
C LEU A 757 44.30 19.55 19.11
N ASN A 758 44.14 20.67 18.42
CA ASN A 758 43.53 21.87 19.00
C ASN A 758 42.03 21.87 18.65
N ALA A 759 41.35 22.95 19.08
CA ALA A 759 39.89 22.98 18.99
C ALA A 759 39.41 22.94 17.54
N MET A 760 40.03 23.75 16.68
CA MET A 760 39.55 23.84 15.31
C MET A 760 39.84 22.57 14.51
N GLN A 761 40.95 21.90 14.81
CA GLN A 761 41.22 20.61 14.17
C GLN A 761 40.16 19.59 14.55
N ILE A 762 39.77 19.55 15.83
CA ILE A 762 38.72 18.63 16.24
C ILE A 762 37.39 19.03 15.61
N LEU A 763 37.13 20.32 15.42
CA LEU A 763 35.89 20.73 14.76
C LEU A 763 35.88 20.32 13.29
N TRP A 764 37.01 20.43 12.61
CA TRP A 764 37.10 19.92 11.25
C TRP A 764 36.88 18.41 11.22
N ILE A 765 37.46 17.70 12.19
CA ILE A 765 37.25 16.26 12.27
C ILE A 765 35.77 15.93 12.53
N ASN A 766 35.10 16.77 13.32
CA ASN A 766 33.68 16.60 13.55
C ASN A 766 32.88 16.78 12.27
N ILE A 767 33.26 17.78 11.47
CA ILE A 767 32.62 17.96 10.17
C ILE A 767 32.86 16.74 9.29
N ILE A 768 34.05 16.15 9.38
CA ILE A 768 34.34 14.95 8.60
C ILE A 768 33.45 13.80 9.04
N MET A 769 33.40 13.54 10.34
CA MET A 769 32.77 12.33 10.88
C MET A 769 31.26 12.47 11.07
N ASP A 770 30.70 13.65 10.84
CA ASP A 770 29.25 13.84 10.85
C ASP A 770 28.74 14.52 9.60
N GLY A 771 29.61 15.04 8.73
CA GLY A 771 29.21 15.68 7.51
C GLY A 771 29.13 14.67 6.36
N PRO A 772 29.36 15.12 5.13
CA PRO A 772 29.17 14.23 3.96
C PRO A 772 29.98 12.94 4.02
N PRO A 773 31.23 12.94 4.54
CA PRO A 773 31.95 11.66 4.57
C PRO A 773 31.27 10.57 5.39
N ALA A 774 30.61 10.93 6.49
CA ALA A 774 29.89 9.95 7.30
C ALA A 774 28.46 9.74 6.82
N GLN A 775 27.80 10.80 6.35
CA GLN A 775 26.45 10.67 5.84
C GLN A 775 26.39 9.90 4.53
N SER A 776 27.51 9.82 3.81
CA SER A 776 27.55 9.00 2.60
C SER A 776 27.47 7.52 2.91
N LEU A 777 27.80 7.11 4.13
CA LEU A 777 27.62 5.71 4.52
C LEU A 777 26.15 5.35 4.56
N GLY A 778 25.30 6.30 4.95
CA GLY A 778 23.86 6.09 4.88
C GLY A 778 23.34 5.95 3.47
N VAL A 779 24.06 6.49 2.49
CA VAL A 779 23.69 6.37 1.07
C VAL A 779 24.23 5.08 0.45
N GLU A 780 25.03 4.31 1.19
CA GLU A 780 25.77 3.19 0.62
C GLU A 780 24.81 2.16 0.03
N PRO A 781 25.10 1.61 -1.17
CA PRO A 781 24.19 0.60 -1.73
C PRO A 781 24.19 -0.68 -0.92
N VAL A 782 23.09 -1.41 -1.02
CA VAL A 782 22.89 -2.65 -0.26
C VAL A 782 23.24 -3.82 -1.16
N ASP A 783 24.08 -4.72 -0.64
CA ASP A 783 24.49 -5.89 -1.40
C ASP A 783 23.38 -6.94 -1.41
N LYS A 784 23.59 -8.00 -2.19
CA LYS A 784 22.59 -9.05 -2.34
C LYS A 784 22.57 -10.00 -1.14
N ASP A 785 23.70 -10.18 -0.46
CA ASP A 785 23.78 -11.20 0.58
C ASP A 785 22.88 -10.84 1.77
N VAL A 786 22.75 -9.55 2.08
CA VAL A 786 21.91 -9.15 3.20
C VAL A 786 20.45 -9.48 2.91
N ILE A 787 20.04 -9.42 1.64
CA ILE A 787 18.68 -9.78 1.27
C ILE A 787 18.43 -11.27 1.54
N ARG A 788 19.45 -12.11 1.34
CA ARG A 788 19.31 -13.53 1.62
C ARG A 788 19.20 -13.82 3.12
N LYS A 789 19.63 -12.88 3.96
CA LYS A 789 19.52 -13.06 5.40
C LYS A 789 18.04 -13.15 5.78
N PRO A 790 17.67 -13.95 6.78
CA PRO A 790 16.26 -13.96 7.21
C PRO A 790 15.84 -12.61 7.78
N PRO A 791 14.56 -12.44 8.11
CA PRO A 791 14.09 -11.13 8.56
C PRO A 791 14.79 -10.65 9.82
N ARG A 792 15.05 -9.35 9.87
CA ARG A 792 15.67 -8.73 11.03
C ARG A 792 14.74 -8.84 12.23
N ASN A 793 15.33 -9.04 13.41
CA ASN A 793 14.55 -9.06 14.64
C ASN A 793 13.93 -7.68 14.88
N TRP A 794 12.73 -7.67 15.46
CA TRP A 794 12.04 -6.41 15.71
C TRP A 794 12.83 -5.54 16.69
N LYS A 795 13.57 -6.16 17.60
CA LYS A 795 14.46 -5.41 18.47
C LYS A 795 15.54 -4.74 17.64
N ASP A 796 15.85 -3.48 17.97
CA ASP A 796 16.86 -2.73 17.23
C ASP A 796 18.23 -3.41 17.36
N SER A 797 18.77 -3.42 18.58
CA SER A 797 20.06 -4.06 18.86
C SER A 797 21.16 -3.54 17.93
N ILE A 798 21.22 -2.22 17.75
CA ILE A 798 22.17 -1.64 16.81
C ILE A 798 23.60 -1.84 17.31
N LEU A 799 23.84 -1.55 18.59
CA LEU A 799 25.19 -1.67 19.16
C LEU A 799 25.43 -3.13 19.51
N THR A 800 25.70 -3.92 18.48
CA THR A 800 26.01 -5.33 18.63
C THR A 800 27.42 -5.49 19.17
N LYS A 801 27.63 -6.56 19.94
CA LYS A 801 28.93 -6.79 20.59
C LYS A 801 30.05 -6.87 19.56
N ASN A 802 29.78 -7.49 18.41
CA ASN A 802 30.77 -7.49 17.34
C ASN A 802 31.05 -6.08 16.86
N LEU A 803 30.00 -5.26 16.75
CA LEU A 803 30.17 -3.87 16.34
C LEU A 803 31.04 -3.11 17.33
N ILE A 804 30.79 -3.30 18.63
CA ILE A 804 31.58 -2.60 19.65
C ILE A 804 33.02 -3.09 19.60
N LEU A 805 33.24 -4.39 19.40
CA LEU A 805 34.60 -4.91 19.34
C LEU A 805 35.36 -4.34 18.15
N LYS A 806 34.72 -4.27 16.97
CA LYS A 806 35.37 -3.67 15.81
C LYS A 806 35.62 -2.18 16.05
N ILE A 807 34.68 -1.50 16.72
CA ILE A 807 34.85 -0.09 17.05
C ILE A 807 36.08 0.10 17.92
N LEU A 808 36.23 -0.75 18.94
CA LEU A 808 37.36 -0.61 19.85
C LEU A 808 38.67 -0.95 19.14
N VAL A 809 38.64 -1.92 18.22
CA VAL A 809 39.85 -2.24 17.45
C VAL A 809 40.27 -1.04 16.62
N SER A 810 39.31 -0.42 15.91
CA SER A 810 39.64 0.73 15.07
C SER A 810 40.13 1.90 15.93
N SER A 811 39.47 2.15 17.06
CA SER A 811 39.88 3.25 17.93
C SER A 811 41.28 3.02 18.49
N ILE A 812 41.58 1.78 18.90
CA ILE A 812 42.89 1.47 19.45
C ILE A 812 43.96 1.64 18.40
N ILE A 813 43.71 1.16 17.18
CA ILE A 813 44.69 1.33 16.10
C ILE A 813 44.93 2.81 15.83
N ILE A 814 43.85 3.60 15.78
CA ILE A 814 43.96 5.02 15.50
C ILE A 814 44.79 5.71 16.58
N VAL A 815 44.46 5.43 17.85
CA VAL A 815 45.16 6.07 18.96
C VAL A 815 46.62 5.67 18.96
N CYS A 816 46.91 4.39 18.73
CA CYS A 816 48.30 3.91 18.73
C CYS A 816 49.11 4.61 17.65
N GLY A 817 48.61 4.62 16.42
CA GLY A 817 49.35 5.26 15.34
C GLY A 817 49.52 6.75 15.53
N THR A 818 48.45 7.44 15.96
CA THR A 818 48.54 8.88 16.13
C THR A 818 49.49 9.25 17.25
N LEU A 819 49.44 8.52 18.36
CA LEU A 819 50.38 8.77 19.46
C LEU A 819 51.80 8.44 19.04
N PHE A 820 51.98 7.41 18.20
CA PHE A 820 53.32 7.09 17.70
C PHE A 820 53.89 8.25 16.90
N VAL A 821 53.09 8.81 15.99
CA VAL A 821 53.57 9.94 15.20
C VAL A 821 53.83 11.15 16.10
N PHE A 822 52.94 11.39 17.06
CA PHE A 822 53.09 12.53 17.96
C PHE A 822 54.38 12.44 18.77
N TRP A 823 54.65 11.26 19.35
CA TRP A 823 55.87 11.06 20.10
C TRP A 823 57.09 11.15 19.20
N ARG A 824 57.00 10.60 17.97
CA ARG A 824 58.13 10.64 17.05
C ARG A 824 58.51 12.07 16.72
N GLU A 825 57.52 12.93 16.47
CA GLU A 825 57.81 14.33 16.17
C GLU A 825 58.16 15.14 17.41
N LEU A 826 57.73 14.70 18.60
CA LEU A 826 57.98 15.44 19.84
C LEU A 826 59.22 14.96 20.59
N ARG A 827 60.02 14.07 19.99
CA ARG A 827 61.21 13.56 20.68
C ARG A 827 62.20 14.67 21.01
N ASP A 828 62.29 15.69 20.14
CA ASP A 828 63.27 16.75 20.31
C ASP A 828 62.87 17.76 21.39
N ASN A 829 61.75 17.57 22.09
CA ASN A 829 61.30 18.44 23.16
C ASN A 829 60.92 19.84 22.67
N VAL A 830 60.57 19.97 21.39
CA VAL A 830 60.12 21.23 20.80
C VAL A 830 58.74 20.97 20.20
N ILE A 831 57.77 21.78 20.61
CA ILE A 831 56.38 21.64 20.13
C ILE A 831 56.28 22.51 18.89
N THR A 832 56.70 21.95 17.76
CA THR A 832 56.68 22.68 16.50
C THR A 832 55.29 22.64 15.87
N PRO A 833 54.94 23.63 15.03
CA PRO A 833 53.70 23.50 14.25
C PRO A 833 53.70 22.29 13.33
N ARG A 834 54.88 21.87 12.86
CA ARG A 834 54.96 20.67 12.03
C ARG A 834 54.48 19.44 12.81
N ASP A 835 54.77 19.39 14.11
CA ASP A 835 54.29 18.29 14.93
C ASP A 835 52.76 18.21 14.91
N THR A 836 52.11 19.35 15.17
CA THR A 836 50.65 19.37 15.20
C THR A 836 50.07 19.05 13.82
N THR A 837 50.70 19.57 12.76
CA THR A 837 50.21 19.28 11.42
C THR A 837 50.32 17.81 11.08
N MET A 838 51.46 17.19 11.43
CA MET A 838 51.64 15.76 11.19
C MET A 838 50.60 14.95 11.93
N THR A 839 50.39 15.26 13.21
CA THR A 839 49.42 14.51 14.00
C THR A 839 48.01 14.69 13.47
N PHE A 840 47.66 15.92 13.10
CA PHE A 840 46.32 16.21 12.60
C PHE A 840 46.05 15.54 11.27
N THR A 841 47.00 15.60 10.34
CA THR A 841 46.85 14.91 9.07
C THR A 841 46.81 13.40 9.26
N CYS A 842 47.58 12.87 10.22
CA CYS A 842 47.51 11.44 10.53
C CYS A 842 46.12 11.06 10.98
N PHE A 843 45.54 11.82 11.90
CA PHE A 843 44.19 11.50 12.37
C PHE A 843 43.17 11.61 11.24
N VAL A 844 43.31 12.61 10.38
CA VAL A 844 42.30 12.78 9.32
C VAL A 844 42.39 11.65 8.30
N PHE A 845 43.60 11.25 7.92
CA PHE A 845 43.73 10.14 6.98
C PHE A 845 43.30 8.82 7.63
N PHE A 846 43.60 8.65 8.92
CA PHE A 846 43.04 7.56 9.70
C PHE A 846 41.52 7.55 9.60
N ASP A 847 40.91 8.72 9.71
CA ASP A 847 39.45 8.81 9.66
C ASP A 847 38.91 8.42 8.28
N MET A 848 39.59 8.86 7.21
CA MET A 848 39.14 8.49 5.87
C MET A 848 39.25 6.99 5.65
N PHE A 849 40.36 6.38 6.07
CA PHE A 849 40.49 4.93 5.93
C PHE A 849 39.49 4.19 6.82
N ASN A 850 39.18 4.75 7.99
CA ASN A 850 38.15 4.17 8.84
C ASN A 850 36.80 4.19 8.14
N ALA A 851 36.48 5.28 7.46
CA ALA A 851 35.24 5.33 6.68
C ALA A 851 35.24 4.30 5.57
N LEU A 852 36.37 4.19 4.86
CA LEU A 852 36.48 3.21 3.78
C LEU A 852 36.24 1.79 4.29
N SER A 853 36.79 1.47 5.46
CA SER A 853 36.49 0.20 6.10
C SER A 853 35.02 0.11 6.51
N SER A 854 34.45 1.22 6.97
CA SER A 854 33.09 1.26 7.49
C SER A 854 32.02 1.18 6.42
N ARG A 855 32.40 1.26 5.13
CA ARG A 855 31.40 1.13 4.07
C ARG A 855 30.60 -0.17 4.18
N SER A 856 31.23 -1.26 4.62
CA SER A 856 30.56 -2.55 4.72
C SER A 856 31.14 -3.33 5.89
N GLN A 857 30.26 -3.99 6.65
CA GLN A 857 30.70 -4.74 7.82
C GLN A 857 31.40 -6.04 7.43
N THR A 858 30.85 -6.77 6.46
CA THR A 858 31.34 -8.09 6.07
C THR A 858 31.99 -8.09 4.70
N LYS A 859 31.31 -7.53 3.69
CA LYS A 859 31.80 -7.56 2.33
C LYS A 859 33.11 -6.79 2.23
N SER A 860 34.05 -7.33 1.46
CA SER A 860 35.37 -6.71 1.32
C SER A 860 35.28 -5.41 0.54
N VAL A 861 36.27 -4.55 0.76
CA VAL A 861 36.30 -3.25 0.09
C VAL A 861 36.59 -3.42 -1.39
N PHE A 862 37.58 -4.27 -1.72
CA PHE A 862 38.04 -4.37 -3.11
C PHE A 862 36.95 -4.89 -4.01
N GLU A 863 36.15 -5.84 -3.54
CA GLU A 863 35.04 -6.36 -4.34
C GLU A 863 34.02 -5.27 -4.61
N ILE A 864 33.75 -4.40 -3.64
CA ILE A 864 32.80 -3.31 -3.83
C ILE A 864 33.29 -2.36 -4.91
N GLY A 865 34.56 -2.01 -4.86
CA GLY A 865 35.12 -0.98 -5.74
C GLY A 865 35.05 0.39 -5.10
N LEU A 866 36.01 1.24 -5.49
CA LEU A 866 36.10 2.56 -4.90
C LEU A 866 35.01 3.49 -5.41
N CYS A 867 34.47 3.24 -6.61
CA CYS A 867 33.49 4.11 -7.24
C CYS A 867 32.05 3.64 -7.05
N SER A 868 31.82 2.56 -6.30
CA SER A 868 30.47 2.05 -6.13
C SER A 868 29.57 3.06 -5.42
N ASN A 869 30.08 3.70 -4.36
CA ASN A 869 29.37 4.76 -3.66
C ASN A 869 29.99 6.09 -4.08
N ARG A 870 29.31 6.79 -4.98
CA ARG A 870 29.88 8.01 -5.54
C ARG A 870 29.83 9.16 -4.54
N MET A 871 28.80 9.23 -3.70
CA MET A 871 28.75 10.28 -2.70
C MET A 871 29.90 10.12 -1.71
N PHE A 872 30.23 8.89 -1.32
CA PHE A 872 31.37 8.65 -0.45
C PHE A 872 32.67 9.08 -1.12
N CYS A 873 32.81 8.77 -2.42
CA CYS A 873 34.02 9.16 -3.13
C CYS A 873 34.17 10.68 -3.18
N TYR A 874 33.08 11.38 -3.50
CA TYR A 874 33.14 12.83 -3.55
C TYR A 874 33.42 13.42 -2.17
N ALA A 875 32.81 12.85 -1.12
CA ALA A 875 33.04 13.34 0.23
C ALA A 875 34.49 13.14 0.64
N VAL A 876 35.07 11.99 0.31
CA VAL A 876 36.47 11.73 0.68
C VAL A 876 37.39 12.63 -0.12
N LEU A 877 37.10 12.86 -1.39
CA LEU A 877 37.91 13.78 -2.18
C LEU A 877 37.84 15.20 -1.61
N GLY A 878 36.65 15.65 -1.24
CA GLY A 878 36.53 16.96 -0.62
C GLY A 878 37.24 17.03 0.72
N SER A 879 37.19 15.95 1.50
CA SER A 879 37.91 15.92 2.77
C SER A 879 39.40 16.03 2.57
N ILE A 880 39.94 15.29 1.59
CA ILE A 880 41.38 15.34 1.31
C ILE A 880 41.76 16.73 0.81
N MET A 881 40.93 17.32 -0.04
CA MET A 881 41.21 18.66 -0.55
C MET A 881 41.20 19.68 0.58
N GLY A 882 40.23 19.58 1.49
CA GLY A 882 40.20 20.47 2.64
C GLY A 882 41.40 20.28 3.53
N GLN A 883 41.84 19.03 3.71
CA GLN A 883 43.04 18.76 4.49
C GLN A 883 44.26 19.43 3.88
N LEU A 884 44.42 19.28 2.56
CA LEU A 884 45.56 19.90 1.89
C LEU A 884 45.50 21.42 1.98
N LEU A 885 44.31 21.99 1.83
CA LEU A 885 44.17 23.44 1.95
C LEU A 885 44.49 23.91 3.35
N VAL A 886 44.08 23.16 4.37
CA VAL A 886 44.42 23.51 5.74
C VAL A 886 45.93 23.43 5.94
N ILE A 887 46.58 22.47 5.26
CA ILE A 887 48.03 22.33 5.40
C ILE A 887 48.75 23.51 4.74
N TYR A 888 48.28 23.94 3.57
CA TYR A 888 49.03 24.84 2.70
C TYR A 888 48.51 26.28 2.66
N PHE A 889 47.21 26.49 2.73
CA PHE A 889 46.64 27.82 2.52
C PHE A 889 47.00 28.73 3.71
N PRO A 890 47.81 29.78 3.53
CA PRO A 890 48.48 30.44 4.72
C PRO A 890 47.49 30.99 5.74
N PRO A 891 46.37 31.61 5.31
CA PRO A 891 45.33 31.91 6.30
C PRO A 891 44.83 30.68 7.07
N LEU A 892 44.67 29.54 6.40
CA LEU A 892 44.17 28.36 7.10
C LEU A 892 45.24 27.76 8.00
N GLN A 893 46.51 27.87 7.62
CA GLN A 893 47.57 27.48 8.56
C GLN A 893 47.55 28.39 9.79
N LYS A 894 47.29 29.68 9.60
CA LYS A 894 47.21 30.57 10.75
C LYS A 894 46.05 30.20 11.66
N VAL A 895 44.87 29.94 11.08
CA VAL A 895 43.70 29.69 11.91
C VAL A 895 43.78 28.31 12.57
N PHE A 896 44.31 27.31 11.86
CA PHE A 896 44.46 25.96 12.39
C PHE A 896 45.80 25.72 13.07
N GLN A 897 46.73 26.68 13.00
CA GLN A 897 48.06 26.56 13.61
C GLN A 897 48.81 25.36 13.06
N THR A 898 49.11 25.43 11.76
CA THR A 898 49.76 24.34 11.03
C THR A 898 50.95 24.89 10.24
N GLU A 899 51.70 23.97 9.63
CA GLU A 899 52.84 24.30 8.80
C GLU A 899 52.93 23.29 7.66
N SER A 900 53.45 23.72 6.53
CA SER A 900 53.49 22.88 5.34
C SER A 900 54.35 21.65 5.58
N LEU A 901 53.89 20.50 5.06
CA LEU A 901 54.57 19.23 5.15
C LEU A 901 55.17 18.85 3.81
N SER A 902 56.25 18.09 3.85
CA SER A 902 56.90 17.62 2.64
C SER A 902 56.13 16.46 2.02
N ILE A 903 56.49 16.14 0.78
CA ILE A 903 55.82 15.04 0.08
C ILE A 903 56.11 13.72 0.76
N LEU A 904 57.36 13.51 1.20
CA LEU A 904 57.71 12.26 1.87
C LEU A 904 56.94 12.10 3.17
N ASP A 905 56.66 13.20 3.87
CA ASP A 905 55.85 13.13 5.08
C ASP A 905 54.45 12.63 4.76
N LEU A 906 53.85 13.16 3.69
CA LEU A 906 52.52 12.70 3.28
C LEU A 906 52.55 11.23 2.88
N LEU A 907 53.60 10.81 2.18
CA LEU A 907 53.71 9.40 1.81
C LEU A 907 53.80 8.51 3.04
N PHE A 908 54.61 8.90 4.02
CA PHE A 908 54.73 8.12 5.25
C PHE A 908 53.39 8.07 5.98
N LEU A 909 52.69 9.19 6.06
CA LEU A 909 51.39 9.20 6.72
C LEU A 909 50.38 8.32 5.99
N LEU A 910 50.39 8.35 4.66
CA LEU A 910 49.50 7.49 3.90
C LEU A 910 49.80 6.01 4.15
N GLY A 911 51.09 5.66 4.17
CA GLY A 911 51.48 4.29 4.46
C GLY A 911 51.04 3.85 5.84
N LEU A 912 51.21 4.73 6.83
CA LEU A 912 50.75 4.41 8.18
C LEU A 912 49.24 4.26 8.24
N THR A 913 48.51 5.12 7.53
CA THR A 913 47.05 5.12 7.58
C THR A 913 46.44 3.96 6.80
N SER A 914 47.21 3.32 5.91
CA SER A 914 46.75 2.08 5.31
C SER A 914 46.58 0.96 6.34
N SER A 915 47.19 1.09 7.51
CA SER A 915 47.19 0.01 8.50
C SER A 915 45.79 -0.31 8.99
N VAL A 916 44.98 0.71 9.29
CA VAL A 916 43.65 0.45 9.82
C VAL A 916 42.79 -0.25 8.79
N CYS A 917 42.88 0.18 7.52
CA CYS A 917 42.11 -0.49 6.47
C CYS A 917 42.57 -1.93 6.28
N ILE A 918 43.89 -2.16 6.33
CA ILE A 918 44.40 -3.52 6.16
C ILE A 918 43.93 -4.41 7.31
N VAL A 919 43.99 -3.91 8.54
CA VAL A 919 43.55 -4.69 9.69
C VAL A 919 42.07 -5.01 9.59
N ALA A 920 41.25 -4.01 9.20
CA ALA A 920 39.82 -4.25 9.06
C ALA A 920 39.54 -5.28 7.97
N GLU A 921 40.26 -5.19 6.86
CA GLU A 921 40.06 -6.16 5.77
C GLU A 921 40.43 -7.56 6.21
N ILE A 922 41.56 -7.69 6.91
CA ILE A 922 41.99 -9.01 7.40
C ILE A 922 40.97 -9.56 8.38
N ILE A 923 40.43 -8.72 9.25
CA ILE A 923 39.40 -9.15 10.19
C ILE A 923 38.17 -9.64 9.44
N LYS A 924 37.76 -8.89 8.40
CA LYS A 924 36.61 -9.29 7.60
C LYS A 924 36.83 -10.65 6.96
N LYS A 925 38.02 -10.87 6.39
CA LYS A 925 38.34 -12.17 5.81
C LYS A 925 38.32 -13.26 6.88
N VAL A 926 38.74 -12.91 8.11
CA VAL A 926 38.76 -13.91 9.18
C VAL A 926 37.34 -14.36 9.51
N GLU A 927 36.41 -13.42 9.72
CA GLU A 927 35.03 -13.85 9.98
C GLU A 927 34.40 -14.52 8.76
N ARG A 928 34.77 -14.11 7.55
CA ARG A 928 34.23 -14.79 6.38
C ARG A 928 34.68 -16.24 6.31
N SER A 929 35.95 -16.50 6.65
CA SER A 929 36.44 -17.87 6.69
C SER A 929 35.79 -18.66 7.82
N ARG A 930 35.61 -18.02 8.98
CA ARG A 930 35.03 -18.72 10.12
C ARG A 930 33.58 -19.10 9.85
N GLU A 931 32.83 -18.21 9.21
CA GLU A 931 31.41 -18.48 8.95
C GLU A 931 31.24 -19.67 8.01
N LYS A 932 32.11 -19.78 7.01
CA LYS A 932 32.06 -20.88 6.05
C LYS A 932 32.27 -22.22 6.74
N GLN B 1 -8.67 -30.97 -25.66
CA GLN B 1 -8.95 -29.61 -25.26
C GLN B 1 -8.87 -28.67 -26.46
N VAL B 2 -9.67 -27.61 -26.43
CA VAL B 2 -9.76 -26.66 -27.54
C VAL B 2 -8.81 -25.51 -27.28
N GLN B 3 -8.05 -25.12 -28.32
CA GLN B 3 -7.09 -24.04 -28.24
C GLN B 3 -7.51 -22.92 -29.19
N LEU B 4 -7.46 -21.67 -28.70
CA LEU B 4 -7.98 -20.52 -29.39
C LEU B 4 -6.83 -19.67 -29.94
N GLN B 5 -7.07 -19.03 -31.09
CA GLN B 5 -6.08 -18.18 -31.73
C GLN B 5 -6.79 -17.02 -32.40
N GLU B 6 -6.27 -15.80 -32.20
CA GLU B 6 -6.85 -14.58 -32.75
C GLU B 6 -5.96 -14.02 -33.84
N SER B 7 -6.58 -13.39 -34.84
CA SER B 7 -5.83 -12.83 -35.95
C SER B 7 -6.66 -11.74 -36.63
N GLY B 8 -5.97 -10.93 -37.44
CA GLY B 8 -6.58 -9.89 -38.24
C GLY B 8 -6.41 -8.48 -37.69
N GLY B 9 -6.02 -8.33 -36.43
CA GLY B 9 -5.92 -7.02 -35.85
C GLY B 9 -4.79 -6.20 -36.44
N GLY B 10 -4.97 -4.88 -36.45
CA GLY B 10 -3.96 -3.98 -36.96
C GLY B 10 -4.46 -2.56 -36.93
N LEU B 11 -3.57 -1.65 -37.34
CA LEU B 11 -3.91 -0.24 -37.39
C LEU B 11 -4.97 0.00 -38.47
N VAL B 12 -5.93 0.87 -38.16
CA VAL B 12 -7.04 1.18 -39.05
C VAL B 12 -7.40 2.65 -38.92
N GLN B 13 -7.81 3.24 -40.03
CA GLN B 13 -8.22 4.64 -40.08
C GLN B 13 -9.71 4.77 -39.82
N ALA B 14 -10.11 5.95 -39.35
CA ALA B 14 -11.51 6.21 -39.07
C ALA B 14 -12.33 6.15 -40.37
N GLY B 15 -13.53 5.59 -40.27
CA GLY B 15 -14.40 5.43 -41.41
C GLY B 15 -14.10 4.25 -42.30
N GLY B 16 -13.07 3.47 -41.99
CA GLY B 16 -12.71 2.31 -42.78
C GLY B 16 -13.45 1.07 -42.32
N SER B 17 -12.98 -0.09 -42.81
CA SER B 17 -13.53 -1.38 -42.48
C SER B 17 -12.42 -2.28 -41.94
N LEU B 18 -12.76 -3.11 -40.95
CA LEU B 18 -11.80 -3.97 -40.29
C LEU B 18 -12.34 -5.39 -40.16
N ARG B 19 -11.43 -6.35 -40.20
CA ARG B 19 -11.73 -7.77 -40.13
C ARG B 19 -11.03 -8.36 -38.91
N LEU B 20 -11.69 -9.32 -38.25
CA LEU B 20 -11.06 -10.07 -37.17
C LEU B 20 -11.53 -11.52 -37.22
N SER B 21 -10.68 -12.44 -36.76
CA SER B 21 -10.97 -13.85 -36.77
C SER B 21 -10.49 -14.51 -35.48
N CYS B 22 -11.32 -15.39 -34.92
CA CYS B 22 -10.96 -16.22 -33.78
C CYS B 22 -11.19 -17.67 -34.17
N ALA B 23 -10.12 -18.46 -34.21
CA ALA B 23 -10.14 -19.83 -34.69
C ALA B 23 -9.85 -20.77 -33.53
N ALA B 24 -10.63 -21.84 -33.43
CA ALA B 24 -10.45 -22.88 -32.42
C ALA B 24 -9.97 -24.15 -33.09
N SER B 25 -9.21 -24.96 -32.34
CA SER B 25 -8.69 -26.20 -32.89
C SER B 25 -9.83 -27.15 -33.27
N GLY B 26 -10.84 -27.25 -32.41
CA GLY B 26 -11.98 -28.10 -32.69
C GLY B 26 -13.07 -27.38 -33.47
N SER B 27 -14.05 -28.16 -33.92
CA SER B 27 -15.16 -27.60 -34.67
C SER B 27 -16.07 -26.79 -33.76
N ILE B 28 -16.61 -25.70 -34.32
CA ILE B 28 -17.47 -24.79 -33.57
C ILE B 28 -18.92 -25.27 -33.75
N PHE B 29 -19.33 -26.24 -32.93
CA PHE B 29 -20.70 -26.73 -32.94
C PHE B 29 -21.38 -26.58 -31.58
N GLY B 30 -20.74 -27.10 -30.52
CA GLY B 30 -21.45 -27.29 -29.27
C GLY B 30 -21.51 -26.05 -28.39
N ALA B 31 -20.59 -25.11 -28.60
CA ALA B 31 -20.49 -23.95 -27.73
C ALA B 31 -21.74 -23.08 -27.79
N ASP B 32 -22.47 -23.02 -26.68
CA ASP B 32 -23.67 -22.18 -26.63
C ASP B 32 -23.31 -20.70 -26.70
N TRP B 33 -22.21 -20.32 -26.04
CA TRP B 33 -21.80 -18.92 -25.94
C TRP B 33 -20.37 -18.76 -26.46
N MET B 34 -20.17 -17.75 -27.29
CA MET B 34 -18.84 -17.38 -27.76
C MET B 34 -18.93 -15.94 -28.22
N GLY B 35 -18.01 -15.10 -27.76
CA GLY B 35 -18.06 -13.69 -28.08
C GLY B 35 -16.73 -13.00 -27.87
N TRP B 36 -16.60 -11.85 -28.53
CA TRP B 36 -15.46 -10.96 -28.29
C TRP B 36 -15.74 -10.07 -27.09
N TYR B 37 -14.65 -9.55 -26.52
CA TYR B 37 -14.71 -8.67 -25.36
C TYR B 37 -13.65 -7.60 -25.52
N ARG B 38 -14.06 -6.34 -25.42
CA ARG B 38 -13.17 -5.20 -25.60
C ARG B 38 -12.59 -4.82 -24.24
N GLN B 39 -11.29 -5.04 -24.07
CA GLN B 39 -10.56 -4.61 -22.88
C GLN B 39 -9.70 -3.41 -23.27
N ALA B 40 -9.71 -2.39 -22.42
CA ALA B 40 -8.99 -1.15 -22.66
C ALA B 40 -8.32 -0.72 -21.36
N PRO B 41 -7.28 0.12 -21.42
CA PRO B 41 -6.69 0.64 -20.19
C PRO B 41 -7.68 1.54 -19.45
N GLY B 42 -7.59 1.50 -18.12
CA GLY B 42 -8.39 2.39 -17.29
C GLY B 42 -9.85 2.01 -17.18
N LYS B 43 -10.25 0.83 -17.61
CA LYS B 43 -11.64 0.42 -17.53
C LYS B 43 -11.71 -1.11 -17.54
N GLU B 44 -12.89 -1.62 -17.20
CA GLU B 44 -13.11 -3.05 -17.22
C GLU B 44 -13.38 -3.53 -18.64
N ARG B 45 -13.13 -4.82 -18.87
CA ARG B 45 -13.41 -5.40 -20.18
C ARG B 45 -14.90 -5.39 -20.47
N GLU B 46 -15.25 -5.11 -21.72
CA GLU B 46 -16.63 -4.90 -22.14
C GLU B 46 -16.95 -5.81 -23.32
N PHE B 47 -18.24 -6.11 -23.46
CA PHE B 47 -18.70 -7.06 -24.46
C PHE B 47 -18.53 -6.39 -25.83
N VAL B 48 -18.28 -7.19 -26.87
CA VAL B 48 -18.30 -6.72 -28.25
C VAL B 48 -19.50 -7.32 -28.98
N ALA B 49 -19.51 -8.64 -29.16
CA ALA B 49 -20.55 -9.31 -29.92
C ALA B 49 -20.40 -10.81 -29.77
N GLY B 50 -21.54 -11.52 -29.79
CA GLY B 50 -21.54 -12.95 -29.58
C GLY B 50 -22.80 -13.60 -30.11
N ILE B 51 -22.84 -14.93 -30.00
CA ILE B 51 -23.92 -15.74 -30.55
C ILE B 51 -24.36 -16.73 -29.47
N GLY B 52 -25.68 -16.86 -29.30
CA GLY B 52 -26.26 -17.76 -28.32
C GLY B 52 -26.61 -19.12 -28.89
N HIS B 53 -27.26 -19.92 -28.05
CA HIS B 53 -27.62 -21.29 -28.42
C HIS B 53 -28.68 -21.28 -29.54
N GLY B 54 -29.69 -20.43 -29.41
CA GLY B 54 -30.81 -20.45 -30.35
C GLY B 54 -30.62 -19.56 -31.56
N ALA B 55 -29.37 -19.42 -32.02
CA ALA B 55 -29.00 -18.62 -33.19
C ALA B 55 -29.29 -17.14 -33.00
N SER B 56 -29.52 -16.67 -31.78
CA SER B 56 -29.77 -15.26 -31.52
C SER B 56 -28.45 -14.56 -31.25
N THR B 57 -28.19 -13.49 -31.99
CA THR B 57 -26.93 -12.77 -31.93
C THR B 57 -27.07 -11.58 -30.98
N TYR B 58 -26.12 -11.45 -30.06
CA TYR B 58 -26.09 -10.37 -29.08
C TYR B 58 -25.01 -9.36 -29.48
N TYR B 59 -25.37 -8.07 -29.45
CA TYR B 59 -24.44 -6.98 -29.74
C TYR B 59 -24.47 -5.99 -28.59
N ALA B 60 -23.32 -5.39 -28.30
CA ALA B 60 -23.25 -4.39 -27.25
C ALA B 60 -23.93 -3.09 -27.70
N ASP B 61 -24.41 -2.33 -26.72
CA ASP B 61 -25.19 -1.12 -27.03
C ASP B 61 -24.34 -0.08 -27.75
N SER B 62 -23.08 0.09 -27.34
CA SER B 62 -22.24 1.13 -27.91
C SER B 62 -21.97 0.88 -29.39
N VAL B 63 -21.76 -0.38 -29.77
CA VAL B 63 -21.36 -0.74 -31.13
C VAL B 63 -22.48 -1.51 -31.85
N LYS B 64 -23.73 -1.33 -31.44
CA LYS B 64 -24.83 -1.96 -32.16
C LYS B 64 -25.05 -1.29 -33.51
N GLY B 65 -25.40 -2.11 -34.50
CA GLY B 65 -25.69 -1.63 -35.83
C GLY B 65 -24.48 -1.42 -36.72
N ARG B 66 -23.27 -1.66 -36.22
CA ARG B 66 -22.04 -1.49 -36.99
C ARG B 66 -21.04 -2.63 -36.83
N PHE B 67 -21.24 -3.55 -35.90
CA PHE B 67 -20.43 -4.75 -35.76
C PHE B 67 -21.27 -5.95 -36.19
N THR B 68 -20.67 -6.86 -36.97
CA THR B 68 -21.36 -8.05 -37.43
C THR B 68 -20.50 -9.27 -37.17
N ILE B 69 -21.13 -10.35 -36.67
CA ILE B 69 -20.44 -11.58 -36.31
C ILE B 69 -21.05 -12.73 -37.10
N SER B 70 -20.19 -13.65 -37.57
CA SER B 70 -20.62 -14.81 -38.32
C SER B 70 -19.80 -16.02 -37.89
N ARG B 71 -20.39 -17.20 -38.07
CA ARG B 71 -19.74 -18.46 -37.75
C ARG B 71 -19.98 -19.45 -38.88
N ASP B 72 -19.02 -20.36 -39.07
CA ASP B 72 -19.12 -21.38 -40.09
C ASP B 72 -18.33 -22.61 -39.64
N ASN B 73 -18.95 -23.78 -39.82
CA ASN B 73 -18.33 -25.02 -39.37
C ASN B 73 -17.21 -25.47 -40.30
N ALA B 74 -17.31 -25.18 -41.60
CA ALA B 74 -16.30 -25.64 -42.54
C ALA B 74 -14.93 -25.03 -42.22
N LYS B 75 -14.87 -23.73 -41.97
CA LYS B 75 -13.64 -23.05 -41.61
C LYS B 75 -13.39 -23.01 -40.11
N ASN B 76 -14.34 -23.47 -39.28
CA ASN B 76 -14.22 -23.59 -37.83
C ASN B 76 -13.64 -22.34 -37.16
N THR B 77 -13.91 -21.16 -37.74
CA THR B 77 -13.33 -19.91 -37.29
C THR B 77 -14.41 -18.85 -37.32
N VAL B 78 -14.68 -18.24 -36.17
CA VAL B 78 -15.71 -17.20 -36.08
C VAL B 78 -15.11 -15.86 -36.52
N TYR B 79 -15.90 -15.07 -37.22
CA TYR B 79 -15.40 -14.03 -38.12
C TYR B 79 -16.19 -12.75 -37.88
N LEU B 80 -15.50 -11.62 -37.75
CA LEU B 80 -16.09 -10.36 -37.29
C LEU B 80 -15.78 -9.23 -38.26
N GLN B 81 -16.81 -8.47 -38.61
CA GLN B 81 -16.72 -7.30 -39.48
C GLN B 81 -17.01 -6.05 -38.66
N MET B 82 -16.16 -5.02 -38.81
CA MET B 82 -16.34 -3.74 -38.15
C MET B 82 -16.34 -2.63 -39.19
N ASN B 83 -17.30 -1.71 -39.06
CA ASN B 83 -17.42 -0.56 -39.95
C ASN B 83 -17.78 0.67 -39.14
N SER B 84 -17.47 1.84 -39.69
CA SER B 84 -17.72 3.13 -39.03
C SER B 84 -17.05 3.18 -37.67
N LEU B 85 -15.76 2.86 -37.65
CA LEU B 85 -15.00 2.81 -36.41
C LEU B 85 -14.54 4.21 -36.01
N LYS B 86 -14.58 4.48 -34.71
CA LYS B 86 -14.28 5.77 -34.12
C LYS B 86 -13.03 5.69 -33.25
N PRO B 87 -12.37 6.83 -32.97
CA PRO B 87 -11.20 6.77 -32.07
C PRO B 87 -11.55 6.41 -30.64
N GLU B 88 -12.81 6.58 -30.23
CA GLU B 88 -13.20 6.32 -28.83
C GLU B 88 -13.60 4.87 -28.59
N ASP B 89 -13.74 4.06 -29.65
CA ASP B 89 -14.16 2.67 -29.55
C ASP B 89 -13.07 1.71 -30.02
N THR B 90 -11.82 1.94 -29.62
CA THR B 90 -10.69 1.09 -29.98
C THR B 90 -9.94 0.65 -28.74
N ALA B 91 -9.63 -0.64 -28.66
CA ALA B 91 -8.85 -1.21 -27.57
C ALA B 91 -8.50 -2.65 -27.99
N VAL B 92 -7.95 -3.41 -27.05
CA VAL B 92 -7.60 -4.79 -27.37
C VAL B 92 -8.85 -5.67 -27.29
N TYR B 93 -8.89 -6.70 -28.14
CA TYR B 93 -10.05 -7.58 -28.29
C TYR B 93 -9.66 -8.99 -27.89
N TYR B 94 -10.46 -9.61 -27.03
CA TYR B 94 -10.26 -10.99 -26.58
C TYR B 94 -11.48 -11.82 -26.97
N CYS B 95 -11.27 -12.86 -27.77
CA CYS B 95 -12.34 -13.79 -28.11
C CYS B 95 -12.39 -14.89 -27.05
N ALA B 96 -13.60 -15.21 -26.59
CA ALA B 96 -13.83 -16.18 -25.54
C ALA B 96 -14.93 -17.14 -25.96
N VAL B 97 -14.84 -18.37 -25.43
CA VAL B 97 -15.77 -19.44 -25.75
C VAL B 97 -16.14 -20.18 -24.48
N GLN B 98 -17.38 -20.66 -24.43
CA GLN B 98 -17.90 -21.46 -23.32
C GLN B 98 -18.69 -22.62 -23.90
N TYR B 99 -18.40 -23.83 -23.41
CA TYR B 99 -19.10 -25.03 -23.83
C TYR B 99 -20.09 -25.46 -22.76
N THR B 100 -21.24 -25.98 -23.19
CA THR B 100 -22.28 -26.39 -22.27
C THR B 100 -21.80 -27.58 -21.43
N GLN B 101 -22.37 -27.71 -20.24
CA GLN B 101 -22.00 -28.76 -19.30
C GLN B 101 -23.22 -29.29 -18.58
N TYR B 107 -24.98 -34.66 -15.48
CA TYR B 107 -24.07 -33.64 -14.98
C TYR B 107 -23.70 -33.91 -13.52
N ARG B 108 -22.40 -33.84 -13.23
CA ARG B 108 -21.92 -33.87 -11.85
C ARG B 108 -20.83 -32.86 -11.57
N SER B 109 -20.09 -32.37 -12.55
CA SER B 109 -18.99 -31.44 -12.32
C SER B 109 -19.50 -30.02 -12.19
N TYR B 110 -18.60 -29.14 -11.72
CA TYR B 110 -18.85 -27.70 -11.66
C TYR B 110 -17.69 -26.89 -12.22
N ASP B 111 -16.80 -27.53 -12.97
CA ASP B 111 -15.67 -26.82 -13.58
C ASP B 111 -16.15 -26.11 -14.84
N SER B 112 -15.84 -24.82 -14.94
CA SER B 112 -16.28 -24.02 -16.06
C SER B 112 -15.44 -24.31 -17.29
N LEU B 113 -16.10 -24.51 -18.42
CA LEU B 113 -15.43 -24.75 -19.70
C LEU B 113 -15.17 -23.43 -20.44
N LEU B 114 -14.55 -22.48 -19.74
CA LEU B 114 -14.27 -21.16 -20.25
C LEU B 114 -12.86 -21.14 -20.84
N TYR B 115 -12.76 -20.80 -22.14
CA TYR B 115 -11.48 -20.65 -22.80
C TYR B 115 -11.38 -19.27 -23.43
N TRP B 116 -10.17 -18.70 -23.38
CA TRP B 116 -9.89 -17.36 -23.84
C TRP B 116 -8.81 -17.39 -24.92
N GLY B 117 -8.77 -16.32 -25.71
CA GLY B 117 -7.73 -16.11 -26.69
C GLY B 117 -6.63 -15.20 -26.15
N GLN B 118 -5.49 -15.23 -26.83
CA GLN B 118 -4.36 -14.40 -26.40
C GLN B 118 -4.65 -12.91 -26.56
N GLY B 119 -5.43 -12.55 -27.58
CA GLY B 119 -5.80 -11.16 -27.81
C GLY B 119 -5.02 -10.51 -28.93
N THR B 120 -5.66 -9.60 -29.65
CA THR B 120 -5.03 -8.81 -30.70
C THR B 120 -5.39 -7.35 -30.50
N GLN B 121 -4.40 -6.48 -30.63
CA GLN B 121 -4.57 -5.05 -30.33
C GLN B 121 -5.01 -4.29 -31.58
N VAL B 122 -5.99 -3.42 -31.41
CA VAL B 122 -6.47 -2.52 -32.45
C VAL B 122 -6.28 -1.09 -31.97
N THR B 123 -5.56 -0.29 -32.75
CA THR B 123 -5.25 1.10 -32.40
C THR B 123 -5.82 2.02 -33.46
N VAL B 124 -6.26 3.20 -33.03
CA VAL B 124 -6.88 4.19 -33.92
C VAL B 124 -6.35 5.56 -33.54
N SER B 125 -6.23 6.43 -34.54
CA SER B 125 -5.81 7.82 -34.36
C SER B 125 -6.79 8.75 -35.05
N SER B 126 -6.95 9.94 -34.50
CA SER B 126 -7.84 10.93 -35.08
C SER B 126 -7.34 11.36 -36.45
N GLY B 127 -8.28 11.69 -37.33
CA GLY B 127 -7.92 12.10 -38.67
C GLY B 127 -7.15 13.40 -38.69
N SER B 128 -6.31 13.55 -39.71
CA SER B 128 -5.47 14.73 -39.85
C SER B 128 -5.18 15.00 -41.32
PG ACP C . -13.22 -12.68 2.04
O1G ACP C . -13.53 -14.00 2.68
O2G ACP C . -12.70 -11.64 3.06
O3G ACP C . -12.18 -12.82 0.91
PB ACP C . -16.18 -12.52 2.19
O1B ACP C . -16.30 -14.02 2.08
O2B ACP C . -17.40 -11.80 1.58
C3B ACP C . -14.69 -11.98 1.30
PA ACP C . -17.45 -11.82 4.31
O1A ACP C . -17.94 -10.51 3.87
O2A ACP C . -17.35 -11.97 5.84
O3A ACP C . -16.02 -12.12 3.74
O5' ACP C . -18.33 -13.02 3.77
C5' ACP C . -19.08 -13.87 4.66
C4' ACP C . -20.14 -14.61 3.91
O4' ACP C . -21.09 -13.62 3.44
C3' ACP C . -19.59 -15.27 2.65
O3' ACP C . -20.45 -16.37 2.38
C2' ACP C . -19.90 -14.25 1.56
O2' ACP C . -20.22 -15.00 0.40
C1' ACP C . -21.25 -13.75 2.04
N9 ACP C . -21.60 -12.42 1.53
C8 ACP C . -20.76 -11.39 1.22
N7 ACP C . -21.37 -10.31 0.79
C5 ACP C . -22.71 -10.66 0.84
C6 ACP C . -23.89 -9.96 0.51
N6 ACP C . -23.89 -8.69 0.06
N1 ACP C . -25.06 -10.59 0.67
C2 ACP C . -25.06 -11.84 1.13
N3 ACP C . -24.02 -12.60 1.46
C4 ACP C . -22.87 -11.95 1.29
H3B1 ACP C . -14.76 -12.26 0.38
H3B2 ACP C . -14.63 -11.00 1.33
H5'1 ACP C . -18.48 -14.51 5.08
H5'2 ACP C . -19.50 -13.32 5.35
H4' ACP C . -20.58 -15.27 4.48
H3' ACP C . -18.65 -15.52 2.71
HO3' ACP C . -19.95 -17.01 2.11
H2' ACP C . -19.19 -13.60 1.45
HO2' ACP C . -20.59 -15.71 0.66
H1' ACP C . -21.95 -14.39 1.82
H8 ACP C . -19.84 -11.45 1.29
HN61 ACP C . -24.64 -8.27 -0.02
HN62 ACP C . -23.16 -8.31 -0.16
H2 ACP C . -25.90 -12.24 1.23
CA CA D . 29.53 15.41 16.43
#